data_5HCU
#
_entry.id   5HCU
#
_cell.length_a   78.575
_cell.length_b   114.346
_cell.length_c   226.617
_cell.angle_alpha   90.000
_cell.angle_beta   90.000
_cell.angle_gamma   90.000
#
_symmetry.space_group_name_H-M   'P 21 21 21'
#
loop_
_entity.id
_entity.type
_entity.pdbx_description
1 polymer Acetylcholinesterase
2 water water
#
_entity_poly.entity_id   1
_entity_poly.type   'polypeptide(L)'
_entity_poly.pdbx_seq_one_letter_code
;DPMEGREDPQLLVRVRGGQLRGIRLKAPGGPVSAFLGIPFAEPPVGSRRFMPPEPKRPWSGVLDATTFQNVCYQYVDTLY
PGFEGTEMWNPNRELSEDCLYLNVWTPYPRPASPTPVLIWIYGGGFYSGAASLDVYDGRFLAQVEGAVLVSMNYRVGTFG
FLALPGSREAPGNVGLLDQRLALQWVQENIAAFGGDPMSVTLFGE(MIS)AGAASVGMHILSLPSRSLFHRAVLQSGTPN
GPWATVSAGEARRRATLLARLVGCPPGGAGGNDTELIACLRTRPAQDLVDHEWHVLPQESIFRFSFVPVVDGDFLSDTPE
ALINTGDFQDLQVLVGVVKDEGSYFLVYGVPGFSKDNESLISRAQFLAGVRIGVPQASDLAAEAVVLHYTDWLHPEDPTH
LRDAMSAVVGDHNVVCPVAQLAGRLAAQGARVYAYIFEHRASTLTWPLWMGVPHGYEIEFIFGLPLDPSLNYTTEERIFA
QRLMKYWTNFARTGDPNDPRDSKSPQWPPYTTAAQQYVSLNLKPLEVRRGLRAQTCAFWNRFLPKLL
;
_entity_poly.pdbx_strand_id   A,B
#
# COMPACT_ATOMS: atom_id res chain seq x y z
N ASP A 1 65.04 23.61 1.31
CA ASP A 1 64.41 24.15 0.07
C ASP A 1 65.10 25.45 -0.36
N PRO A 2 66.12 25.35 -1.22
CA PRO A 2 66.97 26.47 -1.65
C PRO A 2 66.22 27.71 -2.16
N MET A 3 64.96 27.55 -2.53
CA MET A 3 64.24 28.61 -3.22
C MET A 3 63.05 29.13 -2.39
N GLU A 4 62.98 28.76 -1.12
CA GLU A 4 61.87 29.16 -0.28
C GLU A 4 61.67 30.67 -0.24
N GLY A 5 62.79 31.39 -0.10
CA GLY A 5 62.77 32.85 0.00
C GLY A 5 62.23 33.60 -1.20
N ARG A 6 62.16 32.93 -2.33
CA ARG A 6 61.62 33.52 -3.56
C ARG A 6 60.19 33.08 -3.86
N GLU A 7 59.62 32.22 -3.01
CA GLU A 7 58.30 31.65 -3.29
C GLU A 7 57.23 32.23 -2.39
N ASP A 8 55.98 31.89 -2.70
CA ASP A 8 54.84 32.38 -1.94
C ASP A 8 54.89 31.84 -0.50
N PRO A 9 55.10 32.72 0.49
CA PRO A 9 55.24 32.31 1.88
C PRO A 9 53.93 31.87 2.50
N GLN A 10 52.85 32.08 1.78
CA GLN A 10 51.52 31.73 2.24
C GLN A 10 51.06 30.33 1.84
N LEU A 11 51.89 29.61 1.08
CA LEU A 11 51.55 28.27 0.60
C LEU A 11 52.47 27.18 1.17
N LEU A 12 53.30 27.55 2.14
CA LEU A 12 54.21 26.59 2.78
C LEU A 12 53.66 26.13 4.14
N VAL A 13 53.44 24.83 4.27
CA VAL A 13 52.86 24.28 5.47
C VAL A 13 53.66 23.05 5.91
N ARG A 14 53.84 22.90 7.22
CA ARG A 14 54.46 21.70 7.75
C ARG A 14 53.46 20.76 8.40
N VAL A 15 53.51 19.49 8.03
CA VAL A 15 52.71 18.46 8.68
C VAL A 15 53.65 17.46 9.34
N ARG A 16 53.08 16.45 9.98
CA ARG A 16 53.84 15.50 10.75
C ARG A 16 54.92 14.78 9.96
N GLY A 17 54.74 14.66 8.66
CA GLY A 17 55.67 13.94 7.84
C GLY A 17 56.66 14.83 7.10
N GLY A 18 56.51 16.14 7.26
CA GLY A 18 57.42 17.07 6.62
C GLY A 18 56.73 18.26 6.00
N GLN A 19 57.49 19.02 5.22
CA GLN A 19 56.99 20.23 4.63
C GLN A 19 56.30 19.93 3.33
N LEU A 20 55.31 20.76 3.00
CA LEU A 20 54.67 20.71 1.69
C LEU A 20 54.35 22.11 1.22
N ARG A 21 54.27 22.26 -0.11
CA ARG A 21 53.90 23.52 -0.72
C ARG A 21 52.69 23.33 -1.63
N GLY A 22 51.67 24.12 -1.38
CA GLY A 22 50.45 24.06 -2.16
C GLY A 22 50.43 25.06 -3.31
N ILE A 23 49.25 25.34 -3.81
CA ILE A 23 49.08 26.21 -4.94
C ILE A 23 47.87 27.14 -4.73
N ARG A 24 48.01 28.38 -5.17
CA ARG A 24 46.95 29.38 -5.10
C ARG A 24 46.04 29.24 -6.32
N LEU A 25 44.80 28.82 -6.11
CA LEU A 25 43.85 28.61 -7.20
C LEU A 25 42.86 29.74 -7.24
N LYS A 26 42.31 30.01 -8.41
CA LYS A 26 41.35 31.09 -8.51
C LYS A 26 39.90 30.57 -8.52
N ALA A 27 39.15 31.08 -7.56
CA ALA A 27 37.73 30.85 -7.49
C ALA A 27 37.03 32.13 -7.94
N PRO A 28 35.77 32.03 -8.36
CA PRO A 28 35.05 33.21 -8.87
C PRO A 28 35.14 34.44 -7.97
N GLY A 29 35.11 34.25 -6.65
CA GLY A 29 35.10 35.40 -5.75
C GLY A 29 36.46 35.81 -5.21
N GLY A 30 37.50 35.04 -5.56
CA GLY A 30 38.82 35.28 -5.05
C GLY A 30 39.67 34.02 -4.97
N PRO A 31 40.88 34.16 -4.43
CA PRO A 31 41.80 33.03 -4.39
C PRO A 31 41.50 32.07 -3.24
N VAL A 32 41.92 30.82 -3.43
CA VAL A 32 41.91 29.82 -2.38
C VAL A 32 43.24 29.08 -2.37
N SER A 33 43.54 28.46 -1.24
CA SER A 33 44.74 27.63 -1.11
C SER A 33 44.37 26.18 -1.32
N ALA A 34 45.13 25.49 -2.14
CA ALA A 34 44.88 24.07 -2.39
C ALA A 34 46.14 23.27 -2.16
N PHE A 35 46.00 22.18 -1.42
CA PHE A 35 47.12 21.29 -1.13
C PHE A 35 46.74 19.91 -1.58
N LEU A 36 47.21 19.55 -2.76
CA LEU A 36 46.71 18.39 -3.47
C LEU A 36 47.74 17.27 -3.53
N GLY A 37 47.26 16.04 -3.41
CA GLY A 37 48.13 14.89 -3.54
C GLY A 37 49.04 14.65 -2.33
N ILE A 38 48.53 14.94 -1.15
CA ILE A 38 49.28 14.66 0.08
C ILE A 38 49.17 13.17 0.45
N PRO A 39 50.29 12.47 0.52
CA PRO A 39 50.29 11.06 0.94
C PRO A 39 49.99 10.96 2.41
N PHE A 40 49.04 10.09 2.75
CA PHE A 40 48.68 9.84 4.15
C PHE A 40 48.96 8.40 4.51
N ALA A 41 49.38 7.63 3.51
CA ALA A 41 49.73 6.21 3.73
C ALA A 41 50.91 5.78 2.88
N GLU A 42 51.58 4.73 3.31
CA GLU A 42 52.52 4.05 2.42
C GLU A 42 51.75 3.46 1.23
N PRO A 43 52.35 3.51 0.05
CA PRO A 43 51.70 2.95 -1.11
C PRO A 43 51.37 1.47 -0.90
N PRO A 44 50.09 1.09 -1.05
CA PRO A 44 49.64 -0.24 -0.72
C PRO A 44 49.86 -1.19 -1.90
N VAL A 45 51.13 -1.33 -2.28
CA VAL A 45 51.51 -2.10 -3.46
C VAL A 45 52.27 -3.34 -3.08
N GLY A 46 52.50 -4.21 -4.06
CA GLY A 46 53.21 -5.46 -3.86
C GLY A 46 52.63 -6.31 -2.75
N SER A 47 53.40 -6.50 -1.69
CA SER A 47 53.00 -7.35 -0.60
C SER A 47 51.93 -6.68 0.28
N ARG A 48 51.72 -5.39 0.08
CA ARG A 48 50.73 -4.62 0.85
C ARG A 48 49.33 -4.66 0.25
N ARG A 49 49.19 -5.26 -0.93
CA ARG A 49 47.88 -5.36 -1.54
C ARG A 49 46.96 -6.19 -0.66
N PHE A 50 45.71 -5.75 -0.54
CA PHE A 50 44.70 -6.35 0.35
C PHE A 50 44.96 -6.11 1.84
N MET A 51 46.07 -5.46 2.17
CA MET A 51 46.43 -5.25 3.56
C MET A 51 45.99 -3.88 4.09
N PRO A 52 45.82 -3.78 5.42
CA PRO A 52 45.55 -2.48 6.08
C PRO A 52 46.60 -1.42 5.71
N PRO A 53 46.18 -0.17 5.67
CA PRO A 53 47.14 0.85 5.27
C PRO A 53 48.16 1.11 6.40
N GLU A 54 49.40 1.39 6.03
CA GLU A 54 50.41 1.85 6.99
C GLU A 54 50.59 3.35 6.87
N PRO A 55 50.70 4.04 8.00
CA PRO A 55 50.88 5.51 8.00
C PRO A 55 52.07 5.91 7.18
N LYS A 56 51.96 7.00 6.43
CA LYS A 56 53.04 7.48 5.59
C LYS A 56 54.26 7.86 6.46
N ARG A 57 55.41 7.30 6.12
CA ARG A 57 56.59 7.69 6.89
C ARG A 57 57.12 9.02 6.36
N PRO A 58 57.67 9.80 7.28
CA PRO A 58 58.12 11.17 6.95
C PRO A 58 59.11 11.24 5.77
N TRP A 59 59.09 12.38 5.09
CA TRP A 59 59.92 12.59 3.91
C TRP A 59 60.85 13.75 4.19
N SER A 60 61.90 13.85 3.39
CA SER A 60 62.79 15.00 3.44
C SER A 60 62.38 16.03 2.39
N GLY A 61 62.73 17.27 2.63
CA GLY A 61 62.48 18.32 1.66
C GLY A 61 61.03 18.80 1.62
N VAL A 62 60.70 19.50 0.52
CA VAL A 62 59.37 20.05 0.33
C VAL A 62 58.57 19.22 -0.64
N LEU A 63 57.48 18.65 -0.17
CA LEU A 63 56.59 17.89 -1.01
C LEU A 63 55.76 18.80 -1.92
N ASP A 64 55.78 18.54 -3.20
CA ASP A 64 54.93 19.26 -4.12
C ASP A 64 53.50 18.82 -3.89
N ALA A 65 52.68 19.74 -3.41
CA ALA A 65 51.29 19.47 -3.16
C ALA A 65 50.43 20.39 -3.99
N THR A 66 50.75 20.47 -5.28
CA THR A 66 50.03 21.39 -6.18
C THR A 66 49.16 20.69 -7.24
N THR A 67 49.26 19.38 -7.35
CA THR A 67 48.49 18.62 -8.34
C THR A 67 47.86 17.35 -7.73
N PHE A 68 46.69 16.99 -8.24
CA PHE A 68 46.01 15.76 -7.85
C PHE A 68 46.89 14.54 -8.15
N GLN A 69 46.85 13.56 -7.26
CA GLN A 69 47.59 12.32 -7.47
C GLN A 69 46.80 11.24 -8.20
N ASN A 70 47.38 10.06 -8.33
CA ASN A 70 46.77 8.96 -9.04
C ASN A 70 45.42 8.54 -8.45
N VAL A 71 44.55 8.06 -9.31
CA VAL A 71 43.26 7.48 -8.92
C VAL A 71 43.43 6.01 -8.57
N CYS A 72 42.74 5.56 -7.53
CA CYS A 72 42.82 4.15 -7.11
C CYS A 72 42.31 3.23 -8.21
N TYR A 73 43.03 2.15 -8.42
CA TYR A 73 42.80 1.27 -9.56
C TYR A 73 41.37 0.72 -9.58
N GLN A 74 40.72 0.77 -10.75
CA GLN A 74 39.29 0.56 -10.85
C GLN A 74 38.79 0.39 -12.28
N TYR A 75 37.61 -0.19 -12.41
CA TYR A 75 36.92 -0.29 -13.71
C TYR A 75 36.57 1.09 -14.24
N VAL A 76 36.79 1.31 -15.54
CA VAL A 76 36.41 2.57 -16.19
C VAL A 76 35.24 2.39 -17.13
N ASP A 77 34.16 3.15 -16.88
CA ASP A 77 32.94 3.02 -17.67
C ASP A 77 33.08 3.52 -19.09
N THR A 78 32.72 2.69 -20.06
CA THR A 78 32.83 3.03 -21.48
C THR A 78 31.55 2.70 -22.24
N LEU A 79 30.44 2.59 -21.51
CA LEU A 79 29.13 2.32 -22.11
C LEU A 79 28.70 3.39 -23.12
N TYR A 80 28.97 4.65 -22.81
CA TYR A 80 28.62 5.75 -23.69
C TYR A 80 29.81 6.66 -23.90
N PRO A 81 30.71 6.28 -24.79
CA PRO A 81 31.97 7.02 -25.01
C PRO A 81 31.74 8.48 -25.43
N GLY A 82 32.41 9.41 -24.75
CA GLY A 82 32.23 10.82 -25.04
C GLY A 82 31.00 11.47 -24.42
N PHE A 83 30.15 10.68 -23.79
CA PHE A 83 28.96 11.18 -23.11
C PHE A 83 29.31 11.79 -21.74
N GLU A 84 28.94 13.04 -21.53
CA GLU A 84 29.22 13.74 -20.31
C GLU A 84 28.67 13.00 -19.08
N GLY A 85 27.45 12.50 -19.20
CA GLY A 85 26.75 11.85 -18.09
C GLY A 85 27.50 10.73 -17.43
N THR A 86 28.33 10.03 -18.20
CA THR A 86 29.17 8.98 -17.64
C THR A 86 30.61 9.46 -17.39
N GLU A 87 31.14 10.26 -18.29
CA GLU A 87 32.55 10.63 -18.24
C GLU A 87 32.82 11.53 -17.05
N MET A 88 31.83 12.26 -16.56
CA MET A 88 32.07 13.13 -15.43
C MET A 88 32.38 12.35 -14.15
N TRP A 89 32.08 11.05 -14.14
CA TRP A 89 32.33 10.22 -13.01
C TRP A 89 33.56 9.37 -13.19
N ASN A 90 34.10 9.32 -14.40
CA ASN A 90 35.29 8.51 -14.67
C ASN A 90 36.56 9.14 -14.11
N PRO A 91 37.59 8.34 -13.88
CA PRO A 91 38.87 8.85 -13.40
C PRO A 91 39.41 9.98 -14.27
N ASN A 92 39.95 11.01 -13.63
CA ASN A 92 40.52 12.15 -14.32
C ASN A 92 42.04 12.25 -14.09
N ARG A 93 42.60 11.20 -13.49
CA ARG A 93 44.05 11.00 -13.36
C ARG A 93 44.33 9.55 -13.67
N GLU A 94 45.58 9.21 -13.84
CA GLU A 94 45.93 7.85 -14.21
C GLU A 94 45.70 6.84 -13.05
N LEU A 95 45.39 5.60 -13.41
CA LEU A 95 45.13 4.59 -12.42
C LEU A 95 46.39 4.03 -11.81
N SER A 96 46.35 3.75 -10.51
CA SER A 96 47.48 3.11 -9.84
C SER A 96 47.04 2.52 -8.52
N GLU A 97 47.73 1.48 -8.08
CA GLU A 97 47.56 0.99 -6.72
C GLU A 97 48.22 1.94 -5.72
N ASP A 98 49.16 2.74 -6.20
CA ASP A 98 49.77 3.80 -5.40
C ASP A 98 48.86 5.02 -5.52
N CYS A 99 47.89 5.12 -4.62
CA CYS A 99 46.81 6.11 -4.76
C CYS A 99 46.32 6.72 -3.48
N LEU A 100 46.92 6.35 -2.36
CA LEU A 100 46.45 6.81 -1.05
C LEU A 100 46.95 8.22 -0.73
N TYR A 101 46.27 9.21 -1.32
CA TYR A 101 46.61 10.62 -1.18
C TYR A 101 45.38 11.38 -0.81
N LEU A 102 45.54 12.53 -0.19
CA LEU A 102 44.39 13.37 0.16
C LEU A 102 44.59 14.82 -0.27
N ASN A 103 43.50 15.57 -0.28
CA ASN A 103 43.51 16.93 -0.76
C ASN A 103 42.89 17.86 0.28
N VAL A 104 43.43 19.08 0.39
CA VAL A 104 42.93 20.06 1.34
C VAL A 104 42.70 21.41 0.67
N TRP A 105 41.49 21.92 0.75
CA TRP A 105 41.20 23.29 0.33
C TRP A 105 40.93 24.20 1.54
N THR A 106 41.53 25.38 1.52
CA THR A 106 41.30 26.40 2.56
C THR A 106 41.17 27.76 1.88
N PRO A 107 40.70 28.75 2.62
CA PRO A 107 40.77 30.12 2.08
C PRO A 107 42.22 30.58 1.86
N TYR A 108 42.40 31.57 1.01
CA TYR A 108 43.69 32.20 0.80
C TYR A 108 43.65 33.69 1.15
N PRO A 109 44.42 34.10 2.16
CA PRO A 109 45.28 33.23 3.00
C PRO A 109 44.51 32.33 3.97
N ARG A 110 45.22 31.40 4.57
CA ARG A 110 44.63 30.45 5.53
C ARG A 110 43.97 31.12 6.71
N PRO A 111 42.86 30.55 7.21
CA PRO A 111 42.06 31.12 8.28
C PRO A 111 42.87 31.61 9.48
N ALA A 112 42.47 32.75 10.04
CA ALA A 112 43.10 33.31 11.25
C ALA A 112 42.82 32.44 12.49
N SER A 113 41.55 32.07 12.67
CA SER A 113 41.12 31.23 13.79
C SER A 113 40.63 29.85 13.31
N PRO A 114 40.62 28.87 14.22
CA PRO A 114 40.18 27.51 13.89
C PRO A 114 38.84 27.43 13.21
N THR A 115 38.80 26.72 12.08
CA THR A 115 37.64 26.68 11.22
C THR A 115 37.10 25.26 11.11
N PRO A 116 35.78 25.08 11.27
CA PRO A 116 35.13 23.76 11.09
C PRO A 116 35.51 23.06 9.76
N VAL A 117 35.83 21.79 9.87
CA VAL A 117 36.33 21.00 8.76
C VAL A 117 35.26 20.08 8.19
N LEU A 118 35.16 20.09 6.88
CA LEU A 118 34.31 19.17 6.15
C LEU A 118 35.18 18.14 5.49
N ILE A 119 34.84 16.87 5.67
CA ILE A 119 35.57 15.79 4.99
C ILE A 119 34.67 14.99 4.06
N TRP A 120 34.98 15.04 2.76
CA TRP A 120 34.22 14.38 1.71
C TRP A 120 34.69 12.97 1.47
N ILE A 121 33.73 12.05 1.43
CA ILE A 121 34.02 10.65 1.09
C ILE A 121 33.21 10.30 -0.16
N TYR A 122 33.90 10.12 -1.27
CA TYR A 122 33.23 9.86 -2.54
C TYR A 122 32.51 8.50 -2.61
N GLY A 123 31.50 8.47 -3.48
CA GLY A 123 30.79 7.25 -3.80
C GLY A 123 31.29 6.62 -5.07
N GLY A 124 30.51 5.66 -5.57
CA GLY A 124 30.93 4.85 -6.73
C GLY A 124 30.82 3.37 -6.48
N GLY A 125 29.89 2.99 -5.60
CA GLY A 125 29.55 1.59 -5.38
C GLY A 125 30.62 0.73 -4.76
N PHE A 126 31.62 1.39 -4.15
CA PHE A 126 32.80 0.72 -3.62
C PHE A 126 33.65 0.04 -4.69
N TYR A 127 33.37 0.31 -5.96
CA TYR A 127 34.19 -0.23 -7.07
C TYR A 127 34.85 0.87 -7.89
N SER A 128 34.54 2.12 -7.59
CA SER A 128 34.98 3.24 -8.39
C SER A 128 34.98 4.56 -7.59
N GLY A 129 35.46 5.61 -8.21
CA GLY A 129 35.44 6.93 -7.58
C GLY A 129 36.83 7.50 -7.32
N ALA A 130 36.87 8.80 -7.12
CA ALA A 130 38.11 9.54 -6.91
C ALA A 130 37.82 10.90 -6.30
N ALA A 131 38.74 11.38 -5.49
CA ALA A 131 38.56 12.68 -4.83
C ALA A 131 38.92 13.84 -5.74
N SER A 132 39.50 13.52 -6.89
CA SER A 132 39.99 14.55 -7.80
C SER A 132 38.98 14.99 -8.85
N LEU A 133 37.80 14.39 -8.85
CA LEU A 133 36.80 14.71 -9.86
C LEU A 133 36.36 16.16 -9.74
N ASP A 134 36.05 16.76 -10.89
CA ASP A 134 35.62 18.15 -10.95
C ASP A 134 34.43 18.46 -10.06
N VAL A 135 33.49 17.55 -10.01
CA VAL A 135 32.28 17.72 -9.23
C VAL A 135 32.56 17.73 -7.71
N TYR A 136 33.77 17.36 -7.31
CA TYR A 136 34.17 17.42 -5.90
C TYR A 136 35.15 18.56 -5.58
N ASP A 137 35.19 19.56 -6.45
CA ASP A 137 36.11 20.68 -6.30
C ASP A 137 35.74 21.47 -5.03
N GLY A 138 36.70 21.59 -4.13
CA GLY A 138 36.47 22.24 -2.84
C GLY A 138 36.62 23.75 -2.83
N ARG A 139 37.01 24.33 -3.96
CA ARG A 139 37.40 25.74 -4.00
C ARG A 139 36.26 26.70 -3.68
N PHE A 140 35.04 26.31 -4.04
CA PHE A 140 33.87 27.17 -3.87
C PHE A 140 33.42 27.23 -2.42
N LEU A 141 33.40 26.07 -1.77
CA LEU A 141 33.04 26.03 -0.36
C LEU A 141 34.10 26.76 0.48
N ALA A 142 35.36 26.63 0.07
CA ALA A 142 36.46 27.30 0.77
C ALA A 142 36.41 28.82 0.59
N GLN A 143 36.16 29.27 -0.63
CA GLN A 143 36.14 30.69 -0.93
C GLN A 143 34.91 31.37 -0.34
N VAL A 144 33.74 30.83 -0.61
CA VAL A 144 32.49 31.50 -0.24
C VAL A 144 32.10 31.32 1.22
N GLU A 145 32.27 30.13 1.76
CA GLU A 145 31.91 29.87 3.13
C GLU A 145 33.12 29.82 4.06
N GLY A 146 34.31 30.02 3.52
CA GLY A 146 35.50 30.02 4.36
C GLY A 146 35.80 28.67 4.98
N ALA A 147 35.39 27.61 4.29
CA ALA A 147 35.51 26.27 4.82
C ALA A 147 36.88 25.65 4.59
N VAL A 148 37.28 24.77 5.50
CA VAL A 148 38.37 23.85 5.29
C VAL A 148 37.78 22.50 4.83
N LEU A 149 38.15 22.07 3.63
CA LEU A 149 37.59 20.88 3.04
C LEU A 149 38.66 19.86 2.71
N VAL A 150 38.49 18.64 3.20
CA VAL A 150 39.42 17.56 2.96
C VAL A 150 38.73 16.43 2.22
N SER A 151 39.41 15.85 1.25
CA SER A 151 38.88 14.68 0.53
C SER A 151 39.97 13.69 0.31
N MET A 152 39.69 12.43 0.53
CA MET A 152 40.74 11.44 0.44
C MET A 152 40.43 10.41 -0.63
N ASN A 153 41.47 9.81 -1.18
CA ASN A 153 41.32 8.64 -1.97
C ASN A 153 41.29 7.43 -1.02
N TYR A 154 40.46 6.42 -1.37
CA TYR A 154 40.48 5.12 -0.71
C TYR A 154 40.37 3.99 -1.71
N ARG A 155 41.00 2.88 -1.40
CA ARG A 155 40.99 1.74 -2.32
C ARG A 155 39.57 1.23 -2.54
N VAL A 156 39.26 0.91 -3.79
CA VAL A 156 37.95 0.36 -4.15
C VAL A 156 38.12 -0.99 -4.80
N GLY A 157 37.01 -1.63 -5.10
CA GLY A 157 37.05 -2.93 -5.76
C GLY A 157 37.78 -3.96 -4.91
N THR A 158 38.41 -4.90 -5.57
CA THR A 158 39.12 -5.95 -4.87
C THR A 158 40.21 -5.40 -3.97
N PHE A 159 40.94 -4.40 -4.47
CA PHE A 159 42.06 -3.83 -3.74
C PHE A 159 41.62 -3.26 -2.39
N GLY A 160 40.39 -2.76 -2.34
CA GLY A 160 39.85 -2.18 -1.15
C GLY A 160 39.00 -3.13 -0.28
N PHE A 161 38.37 -4.14 -0.88
CA PHE A 161 37.33 -4.85 -0.17
C PHE A 161 37.34 -6.37 -0.33
N LEU A 162 38.27 -6.89 -1.11
CA LEU A 162 38.41 -8.34 -1.19
C LEU A 162 38.85 -8.80 0.17
N ALA A 163 38.13 -9.80 0.69
CA ALA A 163 38.33 -10.26 2.03
C ALA A 163 38.28 -11.77 2.16
N LEU A 164 39.21 -12.30 2.95
CA LEU A 164 39.10 -13.67 3.47
C LEU A 164 39.06 -13.55 4.96
N PRO A 165 37.87 -13.34 5.53
CA PRO A 165 37.68 -13.02 6.94
C PRO A 165 38.34 -14.03 7.86
N GLY A 166 39.10 -13.53 8.82
CA GLY A 166 39.89 -14.35 9.68
C GLY A 166 41.36 -14.34 9.30
N SER A 167 41.66 -14.18 8.03
CA SER A 167 43.05 -14.18 7.60
C SER A 167 43.67 -12.88 8.06
N ARG A 168 44.99 -12.83 8.03
CA ARG A 168 45.66 -11.59 8.38
C ARG A 168 46.35 -10.96 7.19
N GLU A 169 46.33 -11.63 6.05
CA GLU A 169 46.82 -11.04 4.79
C GLU A 169 45.71 -10.28 4.02
N ALA A 170 44.46 -10.64 4.26
CA ALA A 170 43.31 -9.99 3.66
C ALA A 170 42.11 -9.93 4.59
N PRO A 171 42.18 -9.11 5.62
CA PRO A 171 41.16 -9.05 6.68
C PRO A 171 39.88 -8.38 6.28
N GLY A 172 39.90 -7.65 5.17
CA GLY A 172 38.70 -6.96 4.68
C GLY A 172 38.54 -5.55 5.22
N ASN A 173 37.66 -4.77 4.60
CA ASN A 173 37.40 -3.41 4.97
C ASN A 173 38.59 -2.44 4.91
N VAL A 174 39.65 -2.76 4.17
CA VAL A 174 40.84 -1.93 4.19
C VAL A 174 40.61 -0.57 3.53
N GLY A 175 39.65 -0.48 2.61
CA GLY A 175 39.27 0.80 2.05
C GLY A 175 38.68 1.72 3.10
N LEU A 176 37.88 1.15 4.00
CA LEU A 176 37.32 1.91 5.12
C LEU A 176 38.45 2.32 6.06
N LEU A 177 39.43 1.43 6.23
CA LEU A 177 40.61 1.75 7.02
C LEU A 177 41.44 2.89 6.38
N ASP A 178 41.48 2.93 5.05
CA ASP A 178 42.14 4.05 4.34
C ASP A 178 41.44 5.34 4.75
N GLN A 179 40.13 5.31 4.68
CA GLN A 179 39.35 6.47 5.07
C GLN A 179 39.67 6.89 6.51
N ARG A 180 39.72 5.90 7.40
CA ARG A 180 39.95 6.18 8.83
C ARG A 180 41.34 6.78 9.08
N LEU A 181 42.34 6.26 8.38
CA LEU A 181 43.69 6.75 8.49
C LEU A 181 43.75 8.22 8.05
N ALA A 182 43.01 8.55 7.00
CA ALA A 182 42.92 9.91 6.55
C ALA A 182 42.27 10.77 7.61
N LEU A 183 41.26 10.22 8.28
CA LEU A 183 40.57 10.93 9.37
C LEU A 183 41.53 11.24 10.53
N GLN A 184 42.37 10.27 10.86
CA GLN A 184 43.41 10.47 11.84
C GLN A 184 44.41 11.54 11.40
N TRP A 185 44.77 11.50 10.12
CA TRP A 185 45.70 12.47 9.56
C TRP A 185 45.14 13.86 9.77
N VAL A 186 43.84 14.00 9.56
CA VAL A 186 43.17 15.27 9.75
C VAL A 186 43.28 15.68 11.21
N GLN A 187 43.02 14.74 12.10
CA GLN A 187 43.06 15.04 13.53
C GLN A 187 44.42 15.58 13.94
N GLU A 188 45.48 15.02 13.39
CA GLU A 188 46.80 15.44 13.81
C GLU A 188 47.31 16.69 13.07
N ASN A 189 46.87 16.91 11.83
CA ASN A 189 47.55 17.88 10.99
C ASN A 189 46.72 19.06 10.53
N ILE A 190 45.41 18.97 10.63
CA ILE A 190 44.56 19.97 10.00
C ILE A 190 44.73 21.36 10.64
N ALA A 191 45.14 21.39 11.89
CA ALA A 191 45.39 22.65 12.61
C ALA A 191 46.48 23.49 11.92
N ALA A 192 47.46 22.84 11.35
CA ALA A 192 48.47 23.51 10.56
C ALA A 192 47.90 24.25 9.34
N PHE A 193 46.68 23.92 8.95
CA PHE A 193 46.03 24.57 7.81
C PHE A 193 44.98 25.57 8.28
N GLY A 194 44.78 25.67 9.59
CA GLY A 194 43.78 26.59 10.14
C GLY A 194 42.46 25.89 10.42
N GLY A 195 42.46 24.56 10.30
CA GLY A 195 41.29 23.75 10.58
C GLY A 195 41.15 23.44 12.06
N ASP A 196 39.93 23.18 12.47
CA ASP A 196 39.62 22.82 13.84
C ASP A 196 39.35 21.31 13.93
N PRO A 197 40.30 20.55 14.49
CA PRO A 197 40.11 19.10 14.69
C PRO A 197 38.98 18.76 15.65
N MET A 198 38.50 19.74 16.40
CA MET A 198 37.42 19.52 17.35
C MET A 198 36.04 19.82 16.73
N SER A 199 36.02 20.30 15.49
CA SER A 199 34.76 20.39 14.74
C SER A 199 34.94 19.78 13.32
N VAL A 200 34.78 18.48 13.22
CA VAL A 200 34.92 17.75 11.96
C VAL A 200 33.60 17.08 11.51
N THR A 201 33.14 17.45 10.32
CA THR A 201 31.93 16.90 9.74
C THR A 201 32.24 16.04 8.53
N LEU A 202 31.82 14.77 8.57
CA LEU A 202 31.92 13.88 7.42
C LEU A 202 30.71 14.04 6.52
N PHE A 203 30.94 14.04 5.22
CA PHE A 203 29.83 14.02 4.28
C PHE A 203 30.21 13.22 3.06
N GLY A 204 29.23 12.54 2.48
CA GLY A 204 29.46 11.67 1.34
C GLY A 204 28.18 11.28 0.63
N GLU A 205 28.33 10.81 -0.59
CA GLU A 205 27.21 10.44 -1.41
C GLU A 205 27.34 8.98 -1.82
N MIS A 206 26.16 8.19 -1.93
CA MIS A 206 26.15 6.82 -2.35
CB MIS A 206 26.64 6.64 -3.80
OG MIS A 206 25.87 5.65 -4.43
P MIS A 206 26.61 4.47 -5.23
O1P MIS A 206 28.08 4.50 -5.09
O2P MIS A 206 25.85 3.19 -4.63
O3P MIS A 206 26.00 4.51 -6.72
C1 MIS A 206 26.68 4.78 -7.94
C2 MIS A 206 27.33 3.50 -8.45
C3 MIS A 206 27.76 5.85 -7.69
C MIS A 206 26.97 5.95 -1.42
O MIS A 206 26.80 5.79 -0.20
N ALA A 207 27.95 5.18 -1.90
CA ALA A 207 28.91 4.37 -1.14
C ALA A 207 29.67 5.22 -0.13
N GLY A 208 29.83 6.50 -0.44
CA GLY A 208 30.46 7.44 0.47
C GLY A 208 29.61 7.71 1.70
N ALA A 209 28.31 7.85 1.49
CA ALA A 209 27.34 7.96 2.57
C ALA A 209 27.29 6.70 3.41
N ALA A 210 27.32 5.55 2.74
CA ALA A 210 27.42 4.26 3.44
C ALA A 210 28.68 4.22 4.29
N SER A 211 29.80 4.71 3.72
CA SER A 211 31.10 4.78 4.44
C SER A 211 31.00 5.64 5.71
N VAL A 212 30.42 6.82 5.54
CA VAL A 212 30.19 7.72 6.66
C VAL A 212 29.39 7.01 7.76
N GLY A 213 28.27 6.42 7.34
CA GLY A 213 27.44 5.61 8.23
C GLY A 213 28.21 4.54 8.99
N MET A 214 29.13 3.90 8.28
CA MET A 214 29.93 2.88 8.92
C MET A 214 30.93 3.45 9.95
N HIS A 215 31.39 4.68 9.70
CA HIS A 215 32.24 5.34 10.68
C HIS A 215 31.42 5.71 11.94
N ILE A 216 30.16 6.08 11.75
CA ILE A 216 29.27 6.25 12.85
C ILE A 216 29.16 4.98 13.70
N LEU A 217 29.13 3.84 13.02
CA LEU A 217 28.87 2.54 13.69
C LEU A 217 30.14 1.79 14.10
N SER A 218 31.29 2.44 13.96
CA SER A 218 32.54 1.78 14.32
C SER A 218 33.31 2.66 15.32
N LEU A 219 33.59 2.09 16.50
CA LEU A 219 34.08 2.86 17.65
C LEU A 219 35.41 3.62 17.44
N PRO A 220 36.41 2.98 16.87
CA PRO A 220 37.64 3.72 16.65
C PRO A 220 37.43 4.98 15.83
N SER A 221 36.51 4.94 14.88
CA SER A 221 36.26 6.09 14.01
C SER A 221 35.54 7.22 14.73
N ARG A 222 34.76 6.86 15.73
CA ARG A 222 33.91 7.80 16.43
C ARG A 222 34.63 8.96 17.12
N SER A 223 35.87 8.74 17.54
CA SER A 223 36.64 9.81 18.15
C SER A 223 37.31 10.71 17.10
N LEU A 224 37.00 10.53 15.81
CA LEU A 224 37.67 11.27 14.75
C LEU A 224 36.78 12.28 14.03
N PHE A 225 35.53 12.36 14.44
CA PHE A 225 34.62 13.34 13.88
C PHE A 225 33.49 13.64 14.84
N HIS A 226 32.66 14.61 14.49
CA HIS A 226 31.61 15.06 15.39
C HIS A 226 30.22 15.03 14.77
N ARG A 227 30.16 15.18 13.46
CA ARG A 227 28.90 15.28 12.74
C ARG A 227 28.98 14.55 11.40
N ALA A 228 27.83 14.22 10.84
CA ALA A 228 27.79 13.38 9.66
C ALA A 228 26.69 13.80 8.71
N VAL A 229 26.98 13.70 7.43
CA VAL A 229 26.00 13.90 6.38
C VAL A 229 25.98 12.71 5.43
N LEU A 230 24.82 12.05 5.31
CA LEU A 230 24.67 10.90 4.43
C LEU A 230 23.75 11.23 3.27
N GLN A 231 24.34 11.39 2.08
CA GLN A 231 23.57 11.72 0.89
C GLN A 231 23.34 10.45 0.03
N SER A 232 22.07 10.01 -0.01
CA SER A 232 21.63 8.91 -0.89
C SER A 232 22.40 7.63 -0.66
N GLY A 233 22.59 7.29 0.60
CA GLY A 233 23.29 6.04 0.94
C GLY A 233 23.31 5.80 2.44
N THR A 234 23.39 4.53 2.82
CA THR A 234 23.32 4.14 4.21
C THR A 234 24.20 2.92 4.45
N PRO A 235 24.66 2.75 5.70
CA PRO A 235 25.45 1.55 6.01
C PRO A 235 24.55 0.31 6.00
N ASN A 236 23.31 0.48 6.43
CA ASN A 236 22.30 -0.60 6.33
C ASN A 236 21.79 -0.69 4.91
N GLY A 237 20.89 -1.62 4.66
CA GLY A 237 20.34 -1.81 3.32
C GLY A 237 20.95 -3.01 2.61
N PRO A 238 20.54 -3.25 1.37
CA PRO A 238 20.89 -4.51 0.71
C PRO A 238 22.24 -4.57 0.02
N TRP A 239 22.86 -3.43 -0.22
CA TRP A 239 24.06 -3.42 -1.08
C TRP A 239 25.37 -3.04 -0.36
N ALA A 240 25.28 -2.41 0.80
CA ALA A 240 26.47 -1.76 1.40
C ALA A 240 27.38 -2.75 2.12
N THR A 241 26.85 -3.89 2.55
CA THR A 241 27.64 -4.88 3.29
C THR A 241 27.41 -6.29 2.81
N VAL A 242 28.36 -7.17 3.14
CA VAL A 242 28.20 -8.59 2.96
C VAL A 242 28.65 -9.31 4.22
N SER A 243 28.17 -10.53 4.40
CA SER A 243 28.60 -11.38 5.51
C SER A 243 30.00 -11.93 5.24
N ALA A 244 30.61 -12.42 6.31
CA ALA A 244 31.94 -12.99 6.23
C ALA A 244 31.97 -14.19 5.30
N GLY A 245 30.94 -15.03 5.38
CA GLY A 245 30.87 -16.24 4.58
C GLY A 245 30.75 -15.93 3.11
N GLU A 246 29.89 -14.97 2.80
CA GLU A 246 29.69 -14.57 1.41
C GLU A 246 30.94 -13.88 0.82
N ALA A 247 31.64 -13.10 1.64
CA ALA A 247 32.89 -12.44 1.22
C ALA A 247 34.00 -13.45 0.92
N ARG A 248 34.12 -14.45 1.78
CA ARG A 248 35.02 -15.56 1.56
C ARG A 248 34.70 -16.29 0.27
N ARG A 249 33.41 -16.52 0.06
CA ARG A 249 32.96 -17.23 -1.13
C ARG A 249 33.34 -16.46 -2.40
N ARG A 250 33.10 -15.16 -2.39
CA ARG A 250 33.39 -14.31 -3.56
C ARG A 250 34.87 -14.14 -3.83
N ALA A 251 35.66 -13.99 -2.78
CA ALA A 251 37.10 -13.89 -2.95
C ALA A 251 37.67 -15.19 -3.56
N THR A 252 37.20 -16.31 -3.02
CA THR A 252 37.64 -17.61 -3.47
C THR A 252 37.27 -17.84 -4.94
N LEU A 253 36.07 -17.40 -5.28
CA LEU A 253 35.62 -17.54 -6.65
C LEU A 253 36.46 -16.69 -7.61
N LEU A 254 36.70 -15.43 -7.26
CA LEU A 254 37.54 -14.57 -8.10
C LEU A 254 38.94 -15.12 -8.24
N ALA A 255 39.48 -15.59 -7.12
CA ALA A 255 40.79 -16.24 -7.13
C ALA A 255 40.79 -17.35 -8.17
N ARG A 256 39.76 -18.17 -8.17
CA ARG A 256 39.72 -19.30 -9.07
C ARG A 256 39.57 -18.83 -10.52
N LEU A 257 38.81 -17.77 -10.72
CA LEU A 257 38.64 -17.19 -12.05
C LEU A 257 39.89 -16.57 -12.65
N VAL A 258 40.87 -16.20 -11.83
CA VAL A 258 42.10 -15.58 -12.36
C VAL A 258 43.25 -16.55 -12.34
N GLY A 259 42.97 -17.80 -12.03
CA GLY A 259 43.98 -18.85 -12.06
C GLY A 259 44.68 -19.08 -10.73
N CYS A 260 44.00 -18.80 -9.63
CA CYS A 260 44.59 -18.97 -8.31
C CYS A 260 43.78 -20.00 -7.51
N PRO A 261 44.48 -21.00 -6.95
CA PRO A 261 43.83 -22.13 -6.28
C PRO A 261 42.80 -21.69 -5.24
N ASN A 268 44.24 -23.10 2.23
CA ASN A 268 45.12 -22.18 2.91
C ASN A 268 44.98 -20.74 2.36
N ASP A 269 44.57 -19.81 3.24
CA ASP A 269 44.34 -18.42 2.86
C ASP A 269 45.61 -17.73 2.36
N THR A 270 46.73 -18.00 3.02
CA THR A 270 47.98 -17.34 2.72
C THR A 270 48.41 -17.58 1.31
N GLU A 271 48.28 -18.81 0.86
CA GLU A 271 48.56 -19.35 -0.48
C GLU A 271 47.86 -18.55 -1.55
N LEU A 272 46.55 -18.56 -1.32
CA LEU A 272 45.59 -17.95 -2.21
C LEU A 272 45.79 -16.44 -2.36
N ILE A 273 45.97 -15.76 -1.24
CA ILE A 273 46.18 -14.33 -1.24
C ILE A 273 47.50 -13.97 -1.92
N ALA A 274 48.53 -14.75 -1.67
CA ALA A 274 49.82 -14.50 -2.31
C ALA A 274 49.69 -14.62 -3.82
N CYS A 275 49.00 -15.65 -4.27
CA CYS A 275 48.77 -15.83 -5.69
C CYS A 275 48.01 -14.60 -6.26
N LEU A 276 46.95 -14.19 -5.57
CA LEU A 276 46.21 -12.99 -5.98
C LEU A 276 47.14 -11.77 -6.04
N ARG A 277 48.06 -11.67 -5.10
CA ARG A 277 49.01 -10.55 -5.11
C ARG A 277 49.98 -10.60 -6.30
N THR A 278 50.16 -11.76 -6.92
CA THR A 278 51.01 -11.85 -8.10
C THR A 278 50.26 -11.42 -9.37
N ARG A 279 48.94 -11.29 -9.29
CA ARG A 279 48.19 -10.94 -10.49
C ARG A 279 48.27 -9.44 -10.74
N PRO A 280 48.37 -9.03 -12.01
CA PRO A 280 48.34 -7.63 -12.38
C PRO A 280 47.02 -6.99 -12.04
N ALA A 281 47.03 -5.72 -11.66
CA ALA A 281 45.83 -5.04 -11.18
C ALA A 281 44.66 -5.17 -12.15
N GLN A 282 44.97 -5.06 -13.45
CA GLN A 282 43.94 -5.04 -14.49
C GLN A 282 43.24 -6.40 -14.62
N ASP A 283 43.95 -7.46 -14.28
CA ASP A 283 43.39 -8.78 -14.33
C ASP A 283 42.28 -8.88 -13.28
N LEU A 284 42.57 -8.36 -12.08
CA LEU A 284 41.60 -8.32 -11.01
C LEU A 284 40.37 -7.49 -11.41
N VAL A 285 40.61 -6.30 -11.95
CA VAL A 285 39.50 -5.48 -12.43
C VAL A 285 38.66 -6.18 -13.51
N ASP A 286 39.34 -6.84 -14.44
CA ASP A 286 38.68 -7.54 -15.52
C ASP A 286 37.77 -8.66 -15.04
N HIS A 287 38.11 -9.27 -13.91
CA HIS A 287 37.33 -10.40 -13.43
C HIS A 287 36.36 -10.09 -12.27
N GLU A 288 36.40 -8.88 -11.73
CA GLU A 288 35.69 -8.60 -10.49
C GLU A 288 34.17 -8.63 -10.67
N TRP A 289 33.71 -8.46 -11.89
CA TRP A 289 32.29 -8.44 -12.18
C TRP A 289 31.74 -9.83 -12.44
N HIS A 290 32.60 -10.81 -12.68
CA HIS A 290 32.19 -12.16 -13.03
C HIS A 290 31.98 -13.04 -11.81
N VAL A 291 31.73 -12.46 -10.66
CA VAL A 291 31.71 -13.23 -9.44
C VAL A 291 30.34 -13.25 -8.79
N LEU A 292 29.55 -12.21 -9.00
CA LEU A 292 28.33 -12.02 -8.20
C LEU A 292 27.25 -12.97 -8.72
N PRO A 293 26.38 -13.48 -7.80
CA PRO A 293 25.42 -14.58 -8.05
C PRO A 293 24.46 -14.44 -9.26
N GLN A 294 23.77 -13.31 -9.33
CA GLN A 294 22.58 -13.21 -10.16
C GLN A 294 22.78 -12.01 -11.08
N GLU A 295 21.80 -11.68 -11.91
CA GLU A 295 21.81 -10.46 -12.71
C GLU A 295 21.47 -9.39 -11.70
N SER A 296 22.26 -8.34 -11.53
CA SER A 296 21.96 -7.37 -10.48
C SER A 296 22.33 -5.95 -10.82
N ILE A 297 21.36 -5.05 -10.85
CA ILE A 297 21.59 -3.61 -10.87
C ILE A 297 21.75 -3.15 -9.42
N PHE A 298 22.60 -2.15 -9.20
CA PHE A 298 22.81 -1.72 -7.82
C PHE A 298 23.36 -2.84 -6.92
N ARG A 299 24.32 -3.62 -7.39
CA ARG A 299 24.88 -4.71 -6.60
C ARG A 299 26.32 -4.96 -7.02
N PHE A 300 27.19 -4.98 -6.03
CA PHE A 300 28.62 -5.03 -6.25
C PHE A 300 29.33 -6.14 -5.54
N SER A 301 30.37 -6.63 -6.18
CA SER A 301 31.04 -7.83 -5.68
C SER A 301 31.86 -7.63 -4.38
N PHE A 302 32.56 -6.50 -4.27
CA PHE A 302 33.47 -6.31 -3.14
C PHE A 302 33.16 -5.05 -2.37
N VAL A 303 32.54 -5.25 -1.24
CA VAL A 303 31.99 -4.19 -0.42
C VAL A 303 32.43 -4.43 1.03
N PRO A 304 32.16 -3.47 1.94
CA PRO A 304 32.48 -3.70 3.33
C PRO A 304 31.88 -5.01 3.86
N VAL A 305 32.65 -5.70 4.69
CA VAL A 305 32.27 -7.00 5.22
C VAL A 305 32.00 -6.92 6.70
N VAL A 306 30.92 -7.55 7.13
CA VAL A 306 30.62 -7.68 8.56
C VAL A 306 31.63 -8.63 9.20
N ASP A 307 32.74 -8.08 9.66
CA ASP A 307 33.91 -8.85 10.07
C ASP A 307 33.99 -9.11 11.57
N GLY A 308 33.11 -8.50 12.33
CA GLY A 308 33.15 -8.58 13.78
C GLY A 308 34.30 -7.77 14.37
N ASP A 309 34.89 -6.89 13.56
CA ASP A 309 36.01 -6.06 13.97
C ASP A 309 35.72 -4.58 13.68
N PHE A 310 35.88 -4.15 12.42
CA PHE A 310 35.48 -2.79 12.02
C PHE A 310 33.98 -2.67 12.23
N LEU A 311 33.24 -3.66 11.74
CA LEU A 311 31.81 -3.77 12.03
C LEU A 311 31.61 -4.90 13.03
N SER A 312 31.31 -4.55 14.27
CA SER A 312 31.19 -5.54 15.35
C SER A 312 29.94 -6.39 15.19
N ASP A 313 29.03 -5.96 14.33
CA ASP A 313 27.82 -6.69 14.00
C ASP A 313 27.22 -6.08 12.72
N THR A 314 26.09 -6.59 12.25
CA THR A 314 25.46 -6.02 11.09
C THR A 314 25.05 -4.60 11.37
N PRO A 315 25.10 -3.74 10.33
CA PRO A 315 24.73 -2.33 10.52
C PRO A 315 23.35 -2.20 11.07
N GLU A 316 22.47 -3.11 10.69
CA GLU A 316 21.10 -3.06 11.20
C GLU A 316 21.06 -3.31 12.68
N ALA A 317 21.73 -4.34 13.13
CA ALA A 317 21.81 -4.61 14.53
C ALA A 317 22.38 -3.42 15.28
N LEU A 318 23.43 -2.82 14.74
CA LEU A 318 24.09 -1.72 15.42
C LEU A 318 23.24 -0.46 15.47
N ILE A 319 22.42 -0.21 14.43
CA ILE A 319 21.55 0.96 14.47
C ILE A 319 20.31 0.67 15.31
N ASN A 320 19.99 -0.61 15.51
CA ASN A 320 18.86 -1.00 16.36
C ASN A 320 19.22 -0.93 17.85
N THR A 321 20.47 -1.16 18.20
CA THR A 321 20.88 -1.19 19.59
C THR A 321 21.79 -0.03 20.00
N GLY A 322 22.09 0.86 19.07
CA GLY A 322 23.03 1.94 19.34
C GLY A 322 22.48 3.11 20.12
N ASP A 323 23.35 3.77 20.88
CA ASP A 323 23.02 5.04 21.53
C ASP A 323 23.63 6.20 20.74
N PHE A 324 22.80 7.08 20.20
CA PHE A 324 23.29 8.13 19.33
C PHE A 324 22.98 9.53 19.84
N GLN A 325 22.95 9.69 21.16
CA GLN A 325 22.39 10.95 21.67
C GLN A 325 23.27 12.18 21.48
N ASP A 326 24.58 12.01 21.29
CA ASP A 326 25.37 13.22 21.00
C ASP A 326 25.85 13.29 19.55
N LEU A 327 24.99 12.82 18.67
CA LEU A 327 25.27 12.81 17.27
C LEU A 327 24.26 13.67 16.56
N GLN A 328 24.74 14.53 15.68
CA GLN A 328 23.86 15.22 14.75
C GLN A 328 24.11 14.72 13.34
N VAL A 329 23.03 14.44 12.62
CA VAL A 329 23.10 13.84 11.30
C VAL A 329 22.19 14.53 10.31
N LEU A 330 22.71 14.74 9.11
CA LEU A 330 21.93 15.27 8.01
C LEU A 330 21.86 14.18 6.95
N VAL A 331 20.63 13.75 6.64
CA VAL A 331 20.39 12.69 5.65
C VAL A 331 19.38 13.08 4.61
N GLY A 332 19.46 12.47 3.43
CA GLY A 332 18.52 12.76 2.37
C GLY A 332 18.67 11.92 1.12
N VAL A 333 17.79 12.18 0.16
CA VAL A 333 17.73 11.42 -1.08
C VAL A 333 17.40 12.38 -2.22
N VAL A 334 17.67 11.95 -3.46
CA VAL A 334 17.20 12.71 -4.63
C VAL A 334 15.86 12.14 -5.04
N LYS A 335 15.19 12.83 -5.96
CA LYS A 335 13.81 12.48 -6.36
C LYS A 335 13.71 11.13 -7.08
N ASP A 336 14.74 10.75 -7.81
CA ASP A 336 14.72 9.57 -8.65
C ASP A 336 15.97 8.72 -8.46
N GLU A 337 16.04 8.09 -7.30
CA GLU A 337 17.19 7.30 -6.92
C GLU A 337 17.45 6.10 -7.81
N GLY A 338 16.40 5.52 -8.37
CA GLY A 338 16.52 4.27 -9.14
C GLY A 338 16.81 4.41 -10.64
N SER A 339 16.55 5.59 -11.19
CA SER A 339 16.52 5.77 -12.64
C SER A 339 17.85 5.41 -13.31
N TYR A 340 18.92 5.88 -12.71
CA TYR A 340 20.24 5.74 -13.32
C TYR A 340 20.63 4.28 -13.48
N PHE A 341 20.09 3.41 -12.66
CA PHE A 341 20.54 2.02 -12.63
C PHE A 341 19.75 1.13 -13.57
N LEU A 342 18.63 1.63 -14.05
CA LEU A 342 17.79 0.90 -14.99
C LEU A 342 18.47 0.72 -16.33
N VAL A 343 19.20 1.76 -16.77
CA VAL A 343 19.90 1.71 -18.06
C VAL A 343 21.13 0.82 -17.99
N TYR A 344 21.46 0.33 -16.80
CA TYR A 344 22.62 -0.53 -16.60
C TYR A 344 22.22 -1.99 -16.32
N GLY A 345 21.45 -2.58 -17.22
CA GLY A 345 21.19 -4.02 -17.14
C GLY A 345 19.74 -4.49 -17.03
N VAL A 346 18.78 -3.58 -17.00
CA VAL A 346 17.40 -4.00 -17.05
C VAL A 346 16.90 -3.96 -18.50
N PRO A 347 16.44 -5.13 -19.02
CA PRO A 347 15.95 -5.26 -20.41
C PRO A 347 14.83 -4.29 -20.74
N GLY A 348 15.07 -3.41 -21.71
CA GLY A 348 14.07 -2.44 -22.14
C GLY A 348 14.47 -1.01 -21.90
N PHE A 349 15.52 -0.80 -21.10
CA PHE A 349 15.94 0.56 -20.70
C PHE A 349 17.20 1.05 -21.43
N SER A 350 17.20 2.33 -21.76
CA SER A 350 18.30 2.98 -22.49
C SER A 350 18.24 4.49 -22.24
N LYS A 351 19.36 5.18 -22.43
CA LYS A 351 19.40 6.64 -22.32
C LYS A 351 18.91 7.33 -23.59
N ASP A 352 18.73 6.55 -24.65
CA ASP A 352 18.45 7.11 -25.99
C ASP A 352 16.97 7.01 -26.42
N ASN A 353 16.30 5.90 -26.12
CA ASN A 353 14.85 5.82 -26.27
C ASN A 353 14.22 6.34 -24.94
N GLU A 354 12.90 6.26 -24.83
CA GLU A 354 12.20 6.68 -23.63
C GLU A 354 12.01 5.55 -22.61
N SER A 355 12.55 4.38 -22.91
CA SER A 355 12.56 3.22 -22.01
C SER A 355 11.19 2.74 -21.52
N LEU A 356 10.18 2.91 -22.37
CA LEU A 356 8.85 2.37 -22.11
C LEU A 356 8.91 0.85 -22.07
N ILE A 357 8.28 0.23 -21.09
CA ILE A 357 8.40 -1.20 -20.93
C ILE A 357 7.05 -1.89 -20.80
N SER A 358 7.04 -3.18 -21.07
CA SER A 358 5.84 -3.98 -20.93
C SER A 358 5.74 -4.47 -19.49
N ARG A 359 4.62 -5.07 -19.16
CA ARG A 359 4.45 -5.52 -17.78
C ARG A 359 5.24 -6.81 -17.54
N ALA A 360 5.45 -7.60 -18.57
CA ALA A 360 6.35 -8.73 -18.47
C ALA A 360 7.78 -8.27 -18.15
N GLN A 361 8.21 -7.23 -18.86
CA GLN A 361 9.50 -6.62 -18.62
C GLN A 361 9.58 -6.12 -17.20
N PHE A 362 8.48 -5.56 -16.70
CA PHE A 362 8.41 -5.07 -15.33
C PHE A 362 8.62 -6.20 -14.34
N LEU A 363 7.97 -7.32 -14.56
CA LEU A 363 8.13 -8.48 -13.68
C LEU A 363 9.58 -8.96 -13.66
N ALA A 364 10.15 -9.10 -14.84
CA ALA A 364 11.53 -9.54 -14.98
C ALA A 364 12.49 -8.55 -14.26
N GLY A 365 12.26 -7.27 -14.51
CA GLY A 365 13.04 -6.21 -13.87
C GLY A 365 12.98 -6.20 -12.35
N VAL A 366 11.82 -6.53 -11.80
CA VAL A 366 11.67 -6.67 -10.38
C VAL A 366 12.51 -7.84 -9.91
N ARG A 367 12.54 -8.91 -10.68
CA ARG A 367 13.36 -10.08 -10.32
C ARG A 367 14.86 -9.75 -10.29
N ILE A 368 15.26 -8.89 -11.19
CA ILE A 368 16.65 -8.44 -11.28
C ILE A 368 17.02 -7.43 -10.17
N GLY A 369 16.17 -6.44 -9.97
CA GLY A 369 16.42 -5.40 -8.97
C GLY A 369 16.32 -5.84 -7.52
N VAL A 370 15.54 -6.90 -7.28
CA VAL A 370 15.40 -7.45 -5.95
C VAL A 370 15.71 -8.94 -6.04
N PRO A 371 16.98 -9.26 -6.33
CA PRO A 371 17.37 -10.65 -6.59
C PRO A 371 17.33 -11.60 -5.39
N GLN A 372 17.42 -11.07 -4.17
CA GLN A 372 17.24 -11.92 -2.97
C GLN A 372 15.81 -12.45 -2.86
N ALA A 373 14.86 -11.70 -3.42
CA ALA A 373 13.46 -11.92 -3.13
C ALA A 373 12.89 -13.21 -3.75
N SER A 374 12.18 -13.97 -2.93
CA SER A 374 11.42 -15.12 -3.39
C SER A 374 10.30 -14.74 -4.35
N ASP A 375 9.70 -15.74 -4.99
CA ASP A 375 8.61 -15.53 -5.93
C ASP A 375 7.47 -14.75 -5.30
N LEU A 376 7.17 -15.09 -4.05
CA LEU A 376 6.08 -14.45 -3.32
C LEU A 376 6.39 -12.99 -3.01
N ALA A 377 7.61 -12.75 -2.54
CA ALA A 377 8.04 -11.39 -2.24
C ALA A 377 8.05 -10.55 -3.52
N ALA A 378 8.54 -11.15 -4.60
CA ALA A 378 8.58 -10.47 -5.87
C ALA A 378 7.19 -10.06 -6.35
N GLU A 379 6.24 -10.98 -6.22
CA GLU A 379 4.88 -10.63 -6.69
C GLU A 379 4.26 -9.61 -5.74
N ALA A 380 4.62 -9.66 -4.47
CA ALA A 380 4.19 -8.65 -3.54
C ALA A 380 4.67 -7.27 -3.98
N VAL A 381 5.93 -7.21 -4.39
CA VAL A 381 6.49 -5.95 -4.88
C VAL A 381 5.73 -5.47 -6.10
N VAL A 382 5.57 -6.38 -7.05
CA VAL A 382 4.85 -6.08 -8.29
C VAL A 382 3.43 -5.54 -8.06
N LEU A 383 2.70 -6.23 -7.20
CA LEU A 383 1.35 -5.81 -6.86
C LEU A 383 1.36 -4.45 -6.18
N HIS A 384 2.27 -4.27 -5.25
CA HIS A 384 2.35 -3.00 -4.54
C HIS A 384 2.61 -1.83 -5.48
N TYR A 385 3.42 -2.04 -6.50
CA TYR A 385 3.83 -0.92 -7.34
C TYR A 385 2.96 -0.77 -8.63
N THR A 386 2.05 -1.70 -8.84
CA THR A 386 1.15 -1.64 -10.00
C THR A 386 0.15 -0.49 -9.91
N ASP A 387 -0.05 0.18 -11.04
CA ASP A 387 -1.17 1.11 -11.19
C ASP A 387 -2.42 0.36 -11.69
N TRP A 388 -3.41 0.21 -10.80
CA TRP A 388 -4.53 -0.67 -11.08
C TRP A 388 -5.57 -0.04 -11.98
N LEU A 389 -5.42 1.25 -12.27
CA LEU A 389 -6.26 1.89 -13.26
C LEU A 389 -5.69 1.76 -14.65
N HIS A 390 -4.38 1.58 -14.71
CA HIS A 390 -3.68 1.42 -15.99
C HIS A 390 -2.48 0.49 -15.80
N PRO A 391 -2.75 -0.79 -15.61
CA PRO A 391 -1.71 -1.76 -15.29
C PRO A 391 -0.83 -2.13 -16.47
N GLU A 392 -1.17 -1.64 -17.65
CA GLU A 392 -0.43 -1.96 -18.86
C GLU A 392 0.31 -0.75 -19.40
N ASP A 393 0.05 0.41 -18.85
CA ASP A 393 0.69 1.63 -19.26
C ASP A 393 2.23 1.54 -19.12
N PRO A 394 2.94 1.69 -20.24
CA PRO A 394 4.39 1.54 -20.29
C PRO A 394 5.17 2.62 -19.51
N THR A 395 4.68 3.84 -19.53
CA THR A 395 5.27 4.91 -18.76
C THR A 395 5.20 4.65 -17.27
N HIS A 396 4.03 4.25 -16.82
CA HIS A 396 3.84 3.96 -15.41
C HIS A 396 4.68 2.79 -14.97
N LEU A 397 4.82 1.78 -15.83
CA LEU A 397 5.62 0.60 -15.51
C LEU A 397 7.12 0.95 -15.46
N ARG A 398 7.54 1.84 -16.35
CA ARG A 398 8.92 2.33 -16.35
C ARG A 398 9.24 3.05 -15.05
N ASP A 399 8.41 4.04 -14.74
CA ASP A 399 8.55 4.83 -13.54
C ASP A 399 8.44 3.98 -12.28
N ALA A 400 7.61 2.96 -12.33
CA ALA A 400 7.45 2.03 -11.22
C ALA A 400 8.71 1.19 -11.01
N MET A 401 9.32 0.75 -12.10
CA MET A 401 10.55 -0.02 -12.03
C MET A 401 11.63 0.83 -11.35
N SER A 402 11.69 2.08 -11.78
CA SER A 402 12.62 3.04 -11.20
C SER A 402 12.40 3.15 -9.71
N ALA A 403 11.15 3.37 -9.31
CA ALA A 403 10.82 3.52 -7.91
C ALA A 403 11.13 2.26 -7.10
N VAL A 404 10.98 1.08 -7.69
CA VAL A 404 11.23 -0.13 -6.94
C VAL A 404 12.70 -0.15 -6.58
N VAL A 405 13.55 0.09 -7.56
CA VAL A 405 14.99 0.01 -7.36
C VAL A 405 15.49 1.10 -6.40
N GLY A 406 15.01 2.32 -6.60
CA GLY A 406 15.35 3.43 -5.73
C GLY A 406 14.92 3.23 -4.28
N ASP A 407 13.68 2.78 -4.10
CA ASP A 407 13.12 2.63 -2.77
C ASP A 407 13.82 1.50 -2.05
N HIS A 408 14.06 0.41 -2.77
CA HIS A 408 14.64 -0.77 -2.16
C HIS A 408 16.07 -0.50 -1.73
N ASN A 409 16.81 0.23 -2.54
CA ASN A 409 18.23 0.42 -2.31
C ASN A 409 18.62 1.69 -1.54
N VAL A 410 17.81 2.72 -1.63
CA VAL A 410 18.18 3.99 -1.03
C VAL A 410 17.12 4.60 -0.11
N VAL A 411 15.96 4.93 -0.68
CA VAL A 411 14.96 5.73 0.05
C VAL A 411 14.50 5.08 1.37
N CYS A 412 14.24 3.79 1.35
CA CYS A 412 13.76 3.12 2.54
C CYS A 412 14.87 2.77 3.53
N PRO A 413 16.05 2.38 3.04
CA PRO A 413 17.15 2.29 4.01
C PRO A 413 17.40 3.62 4.70
N VAL A 414 17.26 4.72 3.97
CA VAL A 414 17.46 6.03 4.55
C VAL A 414 16.36 6.31 5.59
N ALA A 415 15.11 6.05 5.22
CA ALA A 415 13.97 6.29 6.12
C ALA A 415 14.14 5.48 7.42
N GLN A 416 14.57 4.24 7.28
CA GLN A 416 14.84 3.44 8.43
C GLN A 416 15.94 4.01 9.30
N LEU A 417 17.04 4.43 8.66
CA LEU A 417 18.18 4.94 9.40
C LEU A 417 17.75 6.18 10.17
N ALA A 418 17.06 7.08 9.47
CA ALA A 418 16.62 8.31 10.09
C ALA A 418 15.72 8.03 11.29
N GLY A 419 14.81 7.09 11.10
CA GLY A 419 13.94 6.68 12.20
C GLY A 419 14.68 6.12 13.41
N ARG A 420 15.56 5.17 13.19
CA ARG A 420 16.30 4.58 14.29
C ARG A 420 17.15 5.62 14.98
N LEU A 421 17.82 6.45 14.21
CA LEU A 421 18.70 7.47 14.79
C LEU A 421 17.91 8.43 15.64
N ALA A 422 16.79 8.91 15.13
CA ALA A 422 15.98 9.88 15.86
C ALA A 422 15.41 9.24 17.14
N ALA A 423 14.97 7.98 17.03
CA ALA A 423 14.40 7.27 18.17
C ALA A 423 15.42 7.01 19.26
N GLN A 424 16.70 7.02 18.90
CA GLN A 424 17.74 6.67 19.86
C GLN A 424 18.72 7.81 20.14
N GLY A 425 18.19 9.03 20.04
CA GLY A 425 18.86 10.21 20.59
C GLY A 425 19.46 11.22 19.64
N ALA A 426 19.63 10.87 18.39
CA ALA A 426 20.33 11.74 17.46
C ALA A 426 19.43 12.88 17.00
N ARG A 427 20.02 14.02 16.75
CA ARG A 427 19.32 15.11 16.08
C ARG A 427 19.48 14.86 14.59
N VAL A 428 18.37 14.61 13.92
CA VAL A 428 18.36 14.28 12.50
C VAL A 428 17.67 15.38 11.70
N TYR A 429 18.25 15.73 10.55
CA TYR A 429 17.60 16.58 9.58
C TYR A 429 17.51 15.82 8.28
N ALA A 430 16.33 15.82 7.67
CA ALA A 430 16.07 15.04 6.46
C ALA A 430 15.61 15.90 5.29
N TYR A 431 16.02 15.52 4.08
CA TYR A 431 15.63 16.27 2.90
C TYR A 431 15.31 15.33 1.72
N ILE A 432 14.61 15.87 0.74
CA ILE A 432 14.55 15.26 -0.57
C ILE A 432 14.97 16.32 -1.57
N PHE A 433 15.92 15.97 -2.44
CA PHE A 433 16.47 16.90 -3.42
C PHE A 433 15.70 16.73 -4.73
N GLU A 434 15.16 17.82 -5.26
CA GLU A 434 14.17 17.71 -6.35
C GLU A 434 14.48 18.52 -7.58
N HIS A 435 15.55 19.29 -7.55
CA HIS A 435 15.89 20.10 -8.71
C HIS A 435 16.76 19.34 -9.72
N ARG A 436 16.33 19.36 -10.98
CA ARG A 436 17.11 18.77 -12.05
C ARG A 436 18.02 19.80 -12.71
N ALA A 437 19.32 19.50 -12.71
CA ALA A 437 20.31 20.40 -13.28
C ALA A 437 19.95 20.73 -14.73
N SER A 438 19.97 22.03 -15.05
CA SER A 438 19.71 22.49 -16.40
C SER A 438 20.72 21.94 -17.39
N THR A 439 21.91 21.61 -16.91
CA THR A 439 22.98 21.13 -17.78
C THR A 439 23.03 19.61 -17.86
N LEU A 440 22.03 18.96 -17.28
CA LEU A 440 22.04 17.51 -17.18
C LEU A 440 21.81 16.91 -18.57
N THR A 441 22.64 15.94 -18.94
CA THR A 441 22.62 15.36 -20.26
C THR A 441 21.96 13.98 -20.29
N TRP A 442 21.54 13.50 -19.13
CA TRP A 442 20.77 12.26 -19.11
C TRP A 442 19.38 12.61 -19.60
N PRO A 443 18.67 11.66 -20.21
CA PRO A 443 17.31 11.92 -20.68
C PRO A 443 16.41 12.45 -19.59
N LEU A 444 15.40 13.21 -20.00
CA LEU A 444 14.45 13.81 -19.06
C LEU A 444 13.67 12.82 -18.23
N TRP A 445 13.43 11.62 -18.75
CA TRP A 445 12.59 10.65 -18.04
C TRP A 445 13.24 10.15 -16.74
N MET A 446 14.56 10.36 -16.62
CA MET A 446 15.30 9.88 -15.45
C MET A 446 15.24 10.87 -14.31
N GLY A 447 14.54 11.96 -14.54
CA GLY A 447 14.24 12.94 -13.49
C GLY A 447 15.51 13.52 -12.85
N VAL A 448 15.56 13.48 -11.53
CA VAL A 448 16.73 13.89 -10.77
C VAL A 448 17.47 12.63 -10.34
N PRO A 449 18.42 12.18 -11.16
CA PRO A 449 19.09 10.95 -10.89
C PRO A 449 20.10 11.03 -9.74
N HIS A 450 20.41 9.85 -9.24
CA HIS A 450 21.48 9.61 -8.28
C HIS A 450 22.75 10.43 -8.50
N GLY A 451 23.14 11.18 -7.48
CA GLY A 451 24.41 11.90 -7.50
C GLY A 451 24.41 13.28 -8.12
N TYR A 452 23.25 13.75 -8.60
CA TYR A 452 23.19 15.07 -9.28
C TYR A 452 22.74 16.21 -8.39
N GLU A 453 22.87 15.98 -7.08
CA GLU A 453 22.76 17.05 -6.10
C GLU A 453 24.16 17.56 -5.71
N ILE A 454 25.17 16.75 -6.01
CA ILE A 454 26.52 16.98 -5.52
C ILE A 454 27.10 18.28 -6.05
N GLU A 455 26.95 18.49 -7.35
CA GLU A 455 27.48 19.68 -8.01
C GLU A 455 26.89 20.98 -7.44
N PHE A 456 25.69 20.91 -6.90
CA PHE A 456 25.06 22.06 -6.24
C PHE A 456 25.62 22.29 -4.84
N ILE A 457 25.82 21.19 -4.10
CA ILE A 457 26.37 21.28 -2.75
C ILE A 457 27.78 21.91 -2.76
N PHE A 458 28.57 21.50 -3.74
CA PHE A 458 29.95 21.96 -3.84
C PHE A 458 30.01 23.37 -4.46
N GLY A 459 28.90 23.83 -4.99
CA GLY A 459 28.80 25.19 -5.48
C GLY A 459 29.31 25.45 -6.90
N LEU A 460 29.38 24.40 -7.70
CA LEU A 460 29.80 24.54 -9.09
C LEU A 460 29.01 25.59 -9.91
N PRO A 461 27.71 25.77 -9.64
CA PRO A 461 27.00 26.84 -10.34
C PRO A 461 27.54 28.27 -10.14
N LEU A 462 28.44 28.49 -9.20
CA LEU A 462 29.03 29.83 -9.03
C LEU A 462 30.06 30.13 -10.10
N ASP A 463 30.52 29.12 -10.83
CA ASP A 463 31.45 29.31 -11.93
C ASP A 463 30.66 29.69 -13.17
N PRO A 464 30.87 30.92 -13.66
CA PRO A 464 30.09 31.43 -14.80
C PRO A 464 30.31 30.62 -16.06
N SER A 465 31.48 30.02 -16.18
CA SER A 465 31.81 29.28 -17.39
C SER A 465 31.18 27.89 -17.44
N LEU A 466 30.26 27.59 -16.54
CA LEU A 466 29.64 26.26 -16.50
C LEU A 466 28.20 26.26 -16.98
N ASN A 467 27.71 27.45 -17.32
CA ASN A 467 26.41 27.59 -18.00
C ASN A 467 25.21 27.16 -17.18
N TYR A 468 25.26 27.40 -15.88
CA TYR A 468 24.09 27.19 -15.03
C TYR A 468 23.24 28.43 -15.09
N THR A 469 21.97 28.33 -14.72
CA THR A 469 21.08 29.50 -14.67
C THR A 469 21.45 30.33 -13.46
N THR A 470 20.82 31.49 -13.33
CA THR A 470 21.06 32.36 -12.18
C THR A 470 20.38 31.80 -10.93
N GLU A 471 19.18 31.30 -11.11
CA GLU A 471 18.43 30.72 -10.01
C GLU A 471 19.20 29.52 -9.44
N GLU A 472 19.89 28.82 -10.33
CA GLU A 472 20.70 27.68 -9.95
C GLU A 472 21.91 28.11 -9.11
N ARG A 473 22.41 29.31 -9.36
CA ARG A 473 23.56 29.79 -8.60
C ARG A 473 23.08 30.24 -7.22
N ILE A 474 21.89 30.80 -7.15
CA ILE A 474 21.33 31.18 -5.86
C ILE A 474 21.00 29.95 -5.04
N PHE A 475 20.40 28.97 -5.71
CA PHE A 475 20.13 27.66 -5.13
C PHE A 475 21.41 27.05 -4.56
N ALA A 476 22.45 27.07 -5.37
CA ALA A 476 23.74 26.52 -4.96
C ALA A 476 24.22 27.19 -3.70
N GLN A 477 24.14 28.51 -3.66
CA GLN A 477 24.54 29.28 -2.48
C GLN A 477 23.74 28.88 -1.24
N ARG A 478 22.45 28.71 -1.42
CA ARG A 478 21.58 28.24 -0.33
C ARG A 478 22.05 26.92 0.25
N LEU A 479 22.34 25.96 -0.64
CA LEU A 479 22.72 24.62 -0.21
C LEU A 479 24.06 24.63 0.49
N MET A 480 25.01 25.39 -0.06
CA MET A 480 26.34 25.51 0.56
C MET A 480 26.16 26.06 1.97
N LYS A 481 25.26 27.01 2.12
CA LYS A 481 25.07 27.62 3.42
C LYS A 481 24.39 26.66 4.37
N TYR A 482 23.45 25.87 3.88
CA TYR A 482 22.83 24.82 4.68
C TYR A 482 23.87 23.83 5.23
N TRP A 483 24.64 23.28 4.31
CA TRP A 483 25.65 22.28 4.65
C TRP A 483 26.71 22.84 5.60
N THR A 484 27.21 24.03 5.34
CA THR A 484 28.28 24.59 6.19
C THR A 484 27.70 25.03 7.54
N ASN A 485 26.45 25.50 7.56
CA ASN A 485 25.81 25.80 8.84
C ASN A 485 25.70 24.53 9.68
N PHE A 486 25.35 23.41 9.03
CA PHE A 486 25.27 22.13 9.72
C PHE A 486 26.62 21.72 10.26
N ALA A 487 27.65 21.91 9.44
CA ALA A 487 29.04 21.59 9.86
C ALA A 487 29.45 22.43 11.08
N ARG A 488 29.05 23.70 11.06
CA ARG A 488 29.43 24.67 12.08
C ARG A 488 28.69 24.44 13.38
N THR A 489 27.41 24.09 13.32
CA THR A 489 26.55 24.13 14.50
C THR A 489 25.78 22.86 14.77
N GLY A 490 25.70 21.96 13.80
CA GLY A 490 24.82 20.79 13.90
C GLY A 490 23.38 21.17 13.54
N ASP A 491 23.22 22.31 12.86
CA ASP A 491 21.92 22.85 12.52
C ASP A 491 22.04 23.59 11.19
N PRO A 492 21.31 23.13 10.17
CA PRO A 492 21.36 23.73 8.85
C PRO A 492 20.78 25.13 8.79
N ASN A 493 19.96 25.49 9.78
CA ASN A 493 19.30 26.80 9.81
C ASN A 493 20.25 27.94 10.13
N ASP A 494 20.02 29.08 9.50
CA ASP A 494 20.82 30.27 9.80
C ASP A 494 20.31 30.91 11.10
N PRO A 495 21.15 30.90 12.16
CA PRO A 495 20.74 31.31 13.51
C PRO A 495 20.18 32.73 13.61
N ARG A 496 20.50 33.58 12.65
CA ARG A 496 19.97 34.94 12.62
C ARG A 496 19.13 35.28 11.40
N ASP A 497 18.81 34.31 10.57
CA ASP A 497 17.82 34.54 9.52
C ASP A 497 16.42 34.26 10.08
N SER A 498 15.65 35.33 10.26
CA SER A 498 14.29 35.38 10.77
C SER A 498 13.24 35.18 9.67
N LYS A 499 13.63 35.56 8.44
CA LYS A 499 12.76 35.73 7.28
C LYS A 499 12.49 34.39 6.52
N SER A 500 13.52 33.54 6.45
CA SER A 500 13.46 32.32 5.63
C SER A 500 12.83 31.16 6.38
N PRO A 501 12.22 30.21 5.65
CA PRO A 501 11.52 29.10 6.33
C PRO A 501 12.48 28.22 7.12
N GLN A 502 12.06 27.77 8.28
CA GLN A 502 12.90 26.94 9.13
C GLN A 502 12.93 25.48 8.66
N TRP A 503 14.07 24.85 8.81
CA TRP A 503 14.25 23.44 8.53
C TRP A 503 14.15 22.68 9.87
N PRO A 504 13.01 22.03 10.10
CA PRO A 504 12.78 21.34 11.37
C PRO A 504 13.47 20.00 11.42
N PRO A 505 13.86 19.57 12.62
CA PRO A 505 14.43 18.22 12.80
C PRO A 505 13.47 17.10 12.44
N TYR A 506 14.02 15.99 11.95
CA TYR A 506 13.25 14.80 11.72
C TYR A 506 13.05 14.06 13.04
N THR A 507 11.80 13.73 13.35
CA THR A 507 11.46 12.99 14.58
C THR A 507 10.54 11.83 14.22
N THR A 508 10.53 10.80 15.06
CA THR A 508 9.62 9.67 14.85
C THR A 508 8.14 10.09 14.97
N ALA A 509 7.87 11.12 15.77
CA ALA A 509 6.51 11.67 15.95
C ALA A 509 6.00 12.40 14.71
N ALA A 510 6.68 13.45 14.29
CA ALA A 510 6.20 14.27 13.17
C ALA A 510 6.76 13.84 11.78
N GLN A 511 7.92 13.19 11.76
CA GLN A 511 8.58 12.72 10.53
C GLN A 511 8.78 13.83 9.49
N GLN A 512 9.12 15.02 9.97
CA GLN A 512 9.28 16.15 9.07
C GLN A 512 10.58 16.14 8.27
N TYR A 513 10.49 16.52 7.02
CA TYR A 513 11.64 16.68 6.16
C TYR A 513 11.37 17.81 5.19
N VAL A 514 12.37 18.28 4.46
CA VAL A 514 12.17 19.41 3.56
C VAL A 514 12.47 19.04 2.14
N SER A 515 11.85 19.78 1.22
CA SER A 515 12.16 19.65 -0.19
C SER A 515 13.20 20.68 -0.53
N LEU A 516 14.23 20.25 -1.24
CA LEU A 516 15.27 21.15 -1.71
C LEU A 516 15.10 21.37 -3.20
N ASN A 517 14.72 22.58 -3.55
CA ASN A 517 14.60 22.98 -4.94
C ASN A 517 14.61 24.49 -5.04
N LEU A 518 14.26 25.02 -6.22
CA LEU A 518 14.40 26.45 -6.49
C LEU A 518 13.45 27.29 -5.65
N LYS A 519 12.34 26.68 -5.28
CA LYS A 519 11.38 27.31 -4.37
C LYS A 519 11.92 27.29 -2.94
N PRO A 520 11.40 28.18 -2.08
CA PRO A 520 11.77 28.15 -0.66
C PRO A 520 11.45 26.82 0.03
N LEU A 521 12.14 26.55 1.13
CA LEU A 521 11.95 25.33 1.89
C LEU A 521 10.48 25.01 2.11
N GLU A 522 10.09 23.81 1.76
CA GLU A 522 8.75 23.31 2.03
C GLU A 522 8.86 22.11 2.96
N VAL A 523 8.17 22.16 4.08
CA VAL A 523 8.17 21.06 5.05
C VAL A 523 7.10 20.03 4.73
N ARG A 524 7.49 18.77 4.64
CA ARG A 524 6.57 17.65 4.41
C ARG A 524 6.70 16.62 5.51
N ARG A 525 5.79 15.66 5.50
CA ARG A 525 5.71 14.66 6.57
C ARG A 525 5.63 13.26 6.02
N GLY A 526 6.45 12.37 6.57
CA GLY A 526 6.47 10.98 6.16
C GLY A 526 7.28 10.79 4.91
N LEU A 527 8.48 10.24 5.09
CA LEU A 527 9.39 9.99 4.00
C LEU A 527 9.01 8.68 3.38
N ARG A 528 8.17 8.78 2.36
CA ARG A 528 7.61 7.64 1.69
C ARG A 528 7.21 6.58 2.72
N ALA A 529 6.43 7.03 3.70
CA ALA A 529 6.10 6.21 4.86
C ALA A 529 5.41 4.85 4.57
N GLN A 530 4.40 4.84 3.71
CA GLN A 530 3.66 3.59 3.47
C GLN A 530 4.53 2.60 2.72
N THR A 531 5.15 3.07 1.64
CA THR A 531 5.99 2.21 0.84
C THR A 531 7.18 1.66 1.66
N CYS A 532 7.75 2.51 2.51
CA CYS A 532 8.90 2.08 3.28
C CYS A 532 8.49 1.18 4.46
N ALA A 533 7.24 1.30 4.86
CA ALA A 533 6.68 0.34 5.80
C ALA A 533 6.54 -1.01 5.10
N PHE A 534 6.13 -0.99 3.83
CA PHE A 534 6.07 -2.22 3.05
C PHE A 534 7.44 -2.88 2.98
N TRP A 535 8.47 -2.12 2.55
CA TRP A 535 9.85 -2.64 2.43
C TRP A 535 10.48 -3.01 3.77
N ASN A 536 10.36 -2.16 4.77
CA ASN A 536 11.11 -2.35 6.04
C ASN A 536 10.39 -3.16 7.10
N ARG A 537 9.07 -3.31 6.98
CA ARG A 537 8.30 -4.00 8.00
C ARG A 537 7.63 -5.27 7.50
N PHE A 538 7.07 -5.22 6.31
CA PHE A 538 6.31 -6.36 5.81
C PHE A 538 7.19 -7.37 5.08
N LEU A 539 7.91 -6.90 4.10
CA LEU A 539 8.64 -7.80 3.23
C LEU A 539 9.67 -8.69 3.95
N PRO A 540 10.35 -8.16 4.99
CA PRO A 540 11.24 -9.07 5.73
C PRO A 540 10.54 -10.29 6.30
N LYS A 541 9.27 -10.12 6.69
CA LYS A 541 8.47 -11.21 7.26
C LYS A 541 8.12 -12.29 6.24
N LEU A 542 8.40 -12.06 4.95
CA LEU A 542 8.11 -13.07 3.95
C LEU A 542 9.30 -13.97 3.68
N LEU A 543 10.23 -14.02 4.62
CA LEU A 543 11.43 -14.84 4.55
C LEU A 543 11.80 -15.25 5.97
N GLU B 7 -67.29 -2.30 -1.87
CA GLU B 7 -66.96 -3.29 -2.93
C GLU B 7 -66.03 -2.67 -3.97
N ASP B 8 -64.77 -2.41 -3.65
CA ASP B 8 -63.86 -1.81 -4.62
C ASP B 8 -63.27 -2.88 -5.54
N PRO B 9 -63.62 -2.85 -6.83
CA PRO B 9 -63.18 -3.86 -7.81
C PRO B 9 -61.70 -3.73 -8.21
N GLN B 10 -61.06 -2.65 -7.80
CA GLN B 10 -59.68 -2.82 -8.20
C GLN B 10 -58.81 -3.14 -7.00
N LEU B 11 -59.48 -3.64 -5.95
CA LEU B 11 -58.83 -4.32 -4.85
C LEU B 11 -59.24 -5.78 -4.83
N LEU B 12 -59.99 -6.19 -5.84
CA LEU B 12 -60.36 -7.58 -5.95
C LEU B 12 -59.59 -8.23 -7.13
N VAL B 13 -58.77 -9.22 -6.84
CA VAL B 13 -57.91 -9.80 -7.87
C VAL B 13 -57.98 -11.30 -7.84
N ARG B 14 -57.99 -11.91 -9.01
CA ARG B 14 -57.97 -13.36 -9.08
C ARG B 14 -56.60 -13.87 -9.52
N VAL B 15 -56.01 -14.75 -8.72
CA VAL B 15 -54.77 -15.42 -9.05
C VAL B 15 -55.05 -16.91 -9.20
N ARG B 16 -54.01 -17.67 -9.52
CA ARG B 16 -54.16 -19.08 -9.84
C ARG B 16 -54.75 -19.91 -8.69
N GLY B 17 -54.62 -19.42 -7.47
CA GLY B 17 -55.11 -20.17 -6.32
C GLY B 17 -56.45 -19.71 -5.80
N GLY B 18 -56.97 -18.64 -6.41
CA GLY B 18 -58.23 -18.10 -5.97
C GLY B 18 -58.26 -16.59 -5.87
N GLN B 19 -59.31 -16.06 -5.26
CA GLN B 19 -59.51 -14.64 -5.21
C GLN B 19 -58.83 -14.03 -3.99
N LEU B 20 -58.47 -12.76 -4.12
CA LEU B 20 -57.89 -11.98 -3.02
C LEU B 20 -58.51 -10.61 -2.96
N ARG B 21 -58.55 -10.04 -1.77
CA ARG B 21 -58.96 -8.68 -1.61
C ARG B 21 -57.84 -7.88 -0.98
N GLY B 22 -57.46 -6.81 -1.66
CA GLY B 22 -56.39 -5.94 -1.17
C GLY B 22 -56.94 -4.76 -0.42
N ILE B 23 -56.10 -3.76 -0.23
CA ILE B 23 -56.45 -2.57 0.50
C ILE B 23 -55.90 -1.33 -0.20
N ARG B 24 -56.68 -0.26 -0.22
CA ARG B 24 -56.29 1.03 -0.80
C ARG B 24 -55.50 1.83 0.23
N LEU B 25 -54.23 2.05 -0.06
CA LEU B 25 -53.36 2.75 0.86
C LEU B 25 -53.13 4.15 0.36
N LYS B 26 -52.84 5.05 1.29
CA LYS B 26 -52.57 6.43 0.94
C LYS B 26 -51.07 6.70 0.89
N ALA B 27 -50.61 7.12 -0.28
CA ALA B 27 -49.26 7.62 -0.44
C ALA B 27 -49.34 9.13 -0.57
N PRO B 28 -48.24 9.84 -0.28
CA PRO B 28 -48.24 11.31 -0.34
C PRO B 28 -48.86 11.89 -1.60
N GLY B 29 -48.66 11.27 -2.75
CA GLY B 29 -49.17 11.83 -3.99
C GLY B 29 -50.51 11.29 -4.43
N GLY B 30 -51.02 10.31 -3.70
CA GLY B 30 -52.25 9.63 -4.10
C GLY B 30 -52.34 8.20 -3.61
N PRO B 31 -53.39 7.50 -4.04
CA PRO B 31 -53.65 6.13 -3.59
C PRO B 31 -52.83 5.07 -4.33
N VAL B 32 -52.59 3.95 -3.64
CA VAL B 32 -52.02 2.74 -4.25
C VAL B 32 -52.78 1.51 -3.82
N SER B 33 -52.72 0.46 -4.61
CA SER B 33 -53.33 -0.80 -4.24
C SER B 33 -52.26 -1.67 -3.59
N ALA B 34 -52.59 -2.26 -2.44
CA ALA B 34 -51.67 -3.17 -1.76
C ALA B 34 -52.32 -4.53 -1.49
N PHE B 35 -51.60 -5.58 -1.80
CA PHE B 35 -52.07 -6.94 -1.54
C PHE B 35 -51.07 -7.65 -0.63
N LEU B 36 -51.38 -7.68 0.66
CA LEU B 36 -50.42 -8.08 1.68
C LEU B 36 -50.72 -9.45 2.29
N GLY B 37 -49.68 -10.22 2.58
CA GLY B 37 -49.85 -11.49 3.24
C GLY B 37 -50.40 -12.56 2.31
N ILE B 38 -50.01 -12.52 1.04
CA ILE B 38 -50.44 -13.55 0.10
C ILE B 38 -49.60 -14.82 0.26
N PRO B 39 -50.24 -15.93 0.55
CA PRO B 39 -49.51 -17.20 0.67
C PRO B 39 -49.04 -17.70 -0.68
N PHE B 40 -47.76 -18.08 -0.74
CA PHE B 40 -47.20 -18.66 -1.96
C PHE B 40 -46.69 -20.06 -1.70
N ALA B 41 -46.70 -20.46 -0.45
CA ALA B 41 -46.26 -21.82 -0.09
C ALA B 41 -47.15 -22.45 0.97
N GLU B 42 -47.15 -23.77 1.02
CA GLU B 42 -47.65 -24.49 2.21
C GLU B 42 -46.84 -24.08 3.42
N PRO B 43 -47.48 -23.84 4.55
CA PRO B 43 -46.75 -23.50 5.76
C PRO B 43 -45.71 -24.56 6.10
N PRO B 44 -44.43 -24.15 6.27
CA PRO B 44 -43.35 -25.08 6.44
C PRO B 44 -43.20 -25.49 7.88
N VAL B 45 -44.27 -26.07 8.41
CA VAL B 45 -44.34 -26.46 9.81
C VAL B 45 -44.35 -27.98 9.94
N GLY B 46 -44.17 -28.45 11.17
CA GLY B 46 -44.13 -29.87 11.46
C GLY B 46 -43.09 -30.62 10.64
N SER B 47 -43.55 -31.52 9.79
CA SER B 47 -42.65 -32.33 8.99
C SER B 47 -42.04 -31.56 7.83
N ARG B 48 -42.57 -30.38 7.56
CA ARG B 48 -42.03 -29.60 6.47
C ARG B 48 -40.85 -28.72 6.91
N ARG B 49 -40.54 -28.71 8.20
CA ARG B 49 -39.42 -27.92 8.67
C ARG B 49 -38.13 -28.47 8.06
N PHE B 50 -37.27 -27.53 7.64
CA PHE B 50 -35.98 -27.84 6.97
C PHE B 50 -36.17 -28.33 5.54
N MET B 51 -37.41 -28.50 5.10
CA MET B 51 -37.67 -29.04 3.78
C MET B 51 -37.94 -27.95 2.74
N PRO B 52 -37.73 -28.28 1.45
CA PRO B 52 -38.09 -27.37 0.37
C PRO B 52 -39.56 -26.96 0.42
N PRO B 53 -39.87 -25.74 -0.01
CA PRO B 53 -41.23 -25.27 0.08
C PRO B 53 -42.09 -25.96 -0.97
N GLU B 54 -43.36 -26.19 -0.64
CA GLU B 54 -44.37 -26.68 -1.57
C GLU B 54 -45.33 -25.56 -1.94
N PRO B 55 -45.75 -25.51 -3.21
CA PRO B 55 -46.69 -24.49 -3.68
C PRO B 55 -47.96 -24.46 -2.86
N LYS B 56 -48.48 -23.27 -2.60
CA LYS B 56 -49.70 -23.07 -1.82
C LYS B 56 -50.88 -23.72 -2.53
N ARG B 57 -51.67 -24.50 -1.81
CA ARG B 57 -52.87 -25.11 -2.41
C ARG B 57 -53.94 -24.04 -2.57
N PRO B 58 -54.74 -24.12 -3.63
CA PRO B 58 -55.80 -23.15 -3.90
C PRO B 58 -56.80 -23.05 -2.75
N TRP B 59 -57.45 -21.89 -2.64
CA TRP B 59 -58.40 -21.65 -1.59
C TRP B 59 -59.80 -21.27 -2.14
N SER B 60 -60.80 -21.38 -1.28
CA SER B 60 -62.15 -20.97 -1.59
C SER B 60 -62.39 -19.56 -1.11
N GLY B 61 -63.37 -18.90 -1.73
CA GLY B 61 -63.81 -17.63 -1.24
C GLY B 61 -62.83 -16.54 -1.59
N VAL B 62 -62.95 -15.43 -0.87
CA VAL B 62 -62.05 -14.32 -1.04
C VAL B 62 -61.07 -14.29 0.11
N LEU B 63 -59.79 -14.46 -0.20
CA LEU B 63 -58.76 -14.37 0.81
C LEU B 63 -58.44 -12.93 1.18
N ASP B 64 -58.46 -12.61 2.44
CA ASP B 64 -58.10 -11.28 2.87
C ASP B 64 -56.61 -11.02 2.72
N ALA B 65 -56.25 -10.11 1.82
CA ALA B 65 -54.85 -9.74 1.58
C ALA B 65 -54.64 -8.27 1.88
N THR B 66 -55.08 -7.85 3.05
CA THR B 66 -55.03 -6.43 3.44
C THR B 66 -54.06 -6.12 4.58
N THR B 67 -53.45 -7.15 5.14
CA THR B 67 -52.58 -6.98 6.27
C THR B 67 -51.30 -7.85 6.12
N PHE B 68 -50.18 -7.35 6.63
CA PHE B 68 -48.92 -8.13 6.68
C PHE B 68 -49.07 -9.40 7.50
N GLN B 69 -48.44 -10.46 7.02
CA GLN B 69 -48.43 -11.73 7.74
C GLN B 69 -47.25 -11.80 8.71
N ASN B 70 -47.15 -12.94 9.38
CA ASN B 70 -46.10 -13.17 10.39
C ASN B 70 -44.69 -13.16 9.80
N VAL B 71 -43.75 -12.75 10.63
CA VAL B 71 -42.34 -12.73 10.32
C VAL B 71 -41.73 -14.12 10.57
N CYS B 72 -40.86 -14.57 9.67
CA CYS B 72 -40.26 -15.88 9.82
C CYS B 72 -39.43 -15.96 11.10
N TYR B 73 -39.54 -17.09 11.78
CA TYR B 73 -38.99 -17.22 13.12
C TYR B 73 -37.49 -16.97 13.10
N GLN B 74 -37.03 -16.17 14.06
CA GLN B 74 -35.68 -15.66 14.02
C GLN B 74 -35.26 -15.04 15.34
N TYR B 75 -33.94 -14.91 15.50
CA TYR B 75 -33.38 -14.17 16.62
C TYR B 75 -33.85 -12.73 16.59
N VAL B 76 -34.20 -12.21 17.75
CA VAL B 76 -34.54 -10.79 17.87
C VAL B 76 -33.41 -10.04 18.59
N ASP B 77 -32.90 -8.98 17.96
CA ASP B 77 -31.78 -8.19 18.49
C ASP B 77 -32.18 -7.41 19.74
N THR B 78 -31.37 -7.52 20.79
CA THR B 78 -31.68 -6.85 22.06
C THR B 78 -30.49 -6.11 22.60
N LEU B 79 -29.51 -5.82 21.74
CA LEU B 79 -28.32 -5.10 22.18
C LEU B 79 -28.64 -3.69 22.71
N TYR B 80 -29.52 -2.97 22.02
CA TYR B 80 -29.92 -1.63 22.46
C TYR B 80 -31.43 -1.51 22.45
N PRO B 81 -32.09 -2.06 23.48
CA PRO B 81 -33.56 -2.10 23.53
C PRO B 81 -34.22 -0.72 23.41
N GLY B 82 -35.18 -0.58 22.51
CA GLY B 82 -35.85 0.70 22.29
C GLY B 82 -35.09 1.71 21.43
N PHE B 83 -33.85 1.40 21.06
CA PHE B 83 -33.05 2.28 20.19
C PHE B 83 -33.49 2.15 18.73
N GLU B 84 -33.84 3.26 18.12
CA GLU B 84 -34.36 3.25 16.75
C GLU B 84 -33.41 2.57 15.76
N GLY B 85 -32.12 2.89 15.87
CA GLY B 85 -31.12 2.37 14.96
C GLY B 85 -31.13 0.86 14.82
N THR B 86 -31.48 0.17 15.90
CA THR B 86 -31.57 -1.29 15.88
C THR B 86 -33.02 -1.78 15.71
N GLU B 87 -33.94 -1.09 16.36
CA GLU B 87 -35.32 -1.55 16.39
C GLU B 87 -35.95 -1.44 15.02
N MET B 88 -35.47 -0.54 14.20
CA MET B 88 -36.04 -0.38 12.87
C MET B 88 -35.87 -1.62 12.01
N TRP B 89 -34.95 -2.50 12.42
CA TRP B 89 -34.66 -3.74 11.68
C TRP B 89 -35.29 -4.96 12.31
N ASN B 90 -35.82 -4.82 13.53
CA ASN B 90 -36.45 -5.92 14.25
C ASN B 90 -37.82 -6.24 13.69
N PRO B 91 -38.28 -7.47 13.91
CA PRO B 91 -39.63 -7.86 13.46
C PRO B 91 -40.71 -6.89 13.95
N ASN B 92 -41.64 -6.55 13.07
CA ASN B 92 -42.73 -5.63 13.38
C ASN B 92 -44.07 -6.36 13.26
N ARG B 93 -43.99 -7.68 13.16
CA ARG B 93 -45.13 -8.56 13.28
C ARG B 93 -44.68 -9.75 14.12
N GLU B 94 -45.60 -10.59 14.54
CA GLU B 94 -45.24 -11.72 15.39
C GLU B 94 -44.48 -12.80 14.63
N LEU B 95 -43.63 -13.51 15.37
CA LEU B 95 -42.85 -14.57 14.82
C LEU B 95 -43.69 -15.82 14.55
N SER B 96 -43.40 -16.55 13.48
CA SER B 96 -44.00 -17.84 13.26
C SER B 96 -43.20 -18.61 12.21
N GLU B 97 -43.22 -19.93 12.30
CA GLU B 97 -42.68 -20.75 11.23
C GLU B 97 -43.62 -20.74 10.04
N ASP B 98 -44.89 -20.41 10.31
CA ASP B 98 -45.87 -20.20 9.26
C ASP B 98 -45.75 -18.78 8.79
N CYS B 99 -44.88 -18.58 7.81
CA CYS B 99 -44.45 -17.22 7.42
C CYS B 99 -44.19 -17.01 5.92
N LEU B 100 -44.42 -18.02 5.11
CA LEU B 100 -44.18 -17.93 3.68
C LEU B 100 -45.30 -17.22 2.93
N TYR B 101 -45.25 -15.90 3.00
CA TYR B 101 -46.22 -15.02 2.38
C TYR B 101 -45.47 -13.92 1.64
N LEU B 102 -46.11 -13.35 0.64
CA LEU B 102 -45.54 -12.22 -0.09
C LEU B 102 -46.51 -11.05 -0.20
N ASN B 103 -45.96 -9.90 -0.58
CA ASN B 103 -46.71 -8.64 -0.67
C ASN B 103 -46.57 -8.01 -2.05
N VAL B 104 -47.64 -7.38 -2.54
CA VAL B 104 -47.64 -6.76 -3.84
C VAL B 104 -48.16 -5.34 -3.76
N TRP B 105 -47.37 -4.37 -4.20
CA TRP B 105 -47.81 -2.99 -4.34
C TRP B 105 -47.96 -2.63 -5.82
N THR B 106 -49.08 -2.00 -6.14
CA THR B 106 -49.33 -1.58 -7.51
C THR B 106 -49.93 -0.16 -7.47
N PRO B 107 -49.87 0.58 -8.58
CA PRO B 107 -50.62 1.85 -8.64
C PRO B 107 -52.13 1.66 -8.52
N TYR B 108 -52.80 2.71 -8.07
CA TYR B 108 -54.26 2.74 -8.01
C TYR B 108 -54.76 3.85 -8.94
N PRO B 109 -55.52 3.48 -9.97
CA PRO B 109 -55.96 2.11 -10.28
C PRO B 109 -54.87 1.24 -10.87
N ARG B 110 -55.14 -0.05 -10.96
CA ARG B 110 -54.17 -1.00 -11.48
C ARG B 110 -53.73 -0.61 -12.90
N PRO B 111 -52.43 -0.79 -13.20
CA PRO B 111 -51.79 -0.33 -14.43
C PRO B 111 -52.55 -0.62 -15.70
N ALA B 112 -52.56 0.36 -16.61
CA ALA B 112 -53.20 0.22 -17.91
C ALA B 112 -52.49 -0.79 -18.81
N SER B 113 -51.18 -0.66 -18.89
CA SER B 113 -50.35 -1.58 -19.67
C SER B 113 -49.45 -2.39 -18.74
N PRO B 114 -48.95 -3.53 -19.21
CA PRO B 114 -47.97 -4.31 -18.45
C PRO B 114 -46.79 -3.47 -17.93
N THR B 115 -46.52 -3.58 -16.64
CA THR B 115 -45.58 -2.72 -15.95
C THR B 115 -44.40 -3.53 -15.41
N PRO B 116 -43.18 -3.03 -15.60
CA PRO B 116 -41.99 -3.63 -15.00
C PRO B 116 -42.09 -3.91 -13.51
N VAL B 117 -41.68 -5.11 -13.13
CA VAL B 117 -41.76 -5.56 -11.75
C VAL B 117 -40.42 -5.53 -11.02
N LEU B 118 -40.44 -4.96 -9.83
CA LEU B 118 -39.27 -5.00 -8.95
C LEU B 118 -39.55 -5.98 -7.82
N ILE B 119 -38.63 -6.91 -7.58
CA ILE B 119 -38.79 -7.85 -6.46
C ILE B 119 -37.69 -7.67 -5.41
N TRP B 120 -38.11 -7.26 -4.22
CA TRP B 120 -37.23 -7.02 -3.10
C TRP B 120 -36.97 -8.25 -2.28
N ILE B 121 -35.71 -8.52 -2.00
CA ILE B 121 -35.29 -9.59 -1.12
C ILE B 121 -34.50 -8.97 0.03
N TYR B 122 -35.11 -8.97 1.22
CA TYR B 122 -34.50 -8.34 2.39
C TYR B 122 -33.22 -9.04 2.83
N GLY B 123 -32.39 -8.27 3.53
CA GLY B 123 -31.17 -8.80 4.16
C GLY B 123 -31.36 -9.05 5.64
N GLY B 124 -30.27 -9.27 6.33
CA GLY B 124 -30.30 -9.68 7.75
C GLY B 124 -29.45 -10.91 8.06
N GLY B 125 -28.40 -11.09 7.26
CA GLY B 125 -27.36 -12.11 7.52
C GLY B 125 -27.82 -13.55 7.40
N PHE B 126 -28.96 -13.75 6.73
CA PHE B 126 -29.59 -15.06 6.64
C PHE B 126 -30.07 -15.62 7.99
N TYR B 127 -30.09 -14.77 9.04
CA TYR B 127 -30.61 -15.18 10.34
C TYR B 127 -31.77 -14.31 10.77
N SER B 128 -32.11 -13.30 9.97
CA SER B 128 -33.12 -12.34 10.34
C SER B 128 -33.66 -11.58 9.13
N GLY B 129 -34.65 -10.72 9.38
CA GLY B 129 -35.26 -9.91 8.35
C GLY B 129 -36.73 -10.20 8.12
N ALA B 130 -37.39 -9.24 7.48
CA ALA B 130 -38.81 -9.37 7.16
C ALA B 130 -39.20 -8.40 6.06
N ALA B 131 -40.17 -8.79 5.23
CA ALA B 131 -40.61 -7.96 4.13
C ALA B 131 -41.57 -6.88 4.58
N SER B 132 -41.99 -6.95 5.83
CA SER B 132 -43.02 -6.04 6.36
C SER B 132 -42.46 -4.82 7.03
N LEU B 133 -41.13 -4.72 7.10
CA LEU B 133 -40.48 -3.59 7.73
C LEU B 133 -40.84 -2.29 7.03
N ASP B 134 -40.91 -1.22 7.80
CA ASP B 134 -41.28 0.09 7.31
C ASP B 134 -40.42 0.59 6.17
N VAL B 135 -39.11 0.35 6.25
CA VAL B 135 -38.19 0.81 5.21
C VAL B 135 -38.34 0.09 3.90
N TYR B 136 -39.11 -1.00 3.88
CA TYR B 136 -39.33 -1.73 2.64
C TYR B 136 -40.70 -1.46 2.06
N ASP B 137 -41.33 -0.38 2.49
CA ASP B 137 -42.64 0.01 2.03
C ASP B 137 -42.64 0.30 0.53
N GLY B 138 -43.48 -0.40 -0.20
CA GLY B 138 -43.53 -0.28 -1.64
C GLY B 138 -44.42 0.82 -2.19
N ARG B 139 -45.10 1.54 -1.31
CA ARG B 139 -46.16 2.46 -1.75
C ARG B 139 -45.61 3.64 -2.53
N PHE B 140 -44.40 4.08 -2.18
CA PHE B 140 -43.81 5.26 -2.78
C PHE B 140 -43.31 4.98 -4.19
N LEU B 141 -42.64 3.85 -4.37
CA LEU B 141 -42.19 3.47 -5.69
C LEU B 141 -43.38 3.20 -6.61
N ALA B 142 -44.43 2.63 -6.04
CA ALA B 142 -45.62 2.30 -6.82
C ALA B 142 -46.37 3.55 -7.23
N GLN B 143 -46.49 4.50 -6.31
CA GLN B 143 -47.26 5.72 -6.56
C GLN B 143 -46.51 6.67 -7.49
N VAL B 144 -45.25 6.95 -7.17
CA VAL B 144 -44.49 7.97 -7.88
C VAL B 144 -43.96 7.47 -9.21
N GLU B 145 -43.48 6.23 -9.26
CA GLU B 145 -42.86 5.71 -10.48
C GLU B 145 -43.77 4.75 -11.21
N GLY B 146 -44.94 4.49 -10.65
CA GLY B 146 -45.91 3.59 -11.28
C GLY B 146 -45.44 2.15 -11.34
N ALA B 147 -44.57 1.77 -10.41
CA ALA B 147 -43.98 0.43 -10.39
C ALA B 147 -44.88 -0.62 -9.72
N VAL B 148 -44.75 -1.86 -10.16
CA VAL B 148 -45.27 -2.99 -9.42
C VAL B 148 -44.14 -3.58 -8.57
N LEU B 149 -44.36 -3.61 -7.27
CA LEU B 149 -43.31 -4.07 -6.38
C LEU B 149 -43.75 -5.27 -5.56
N VAL B 150 -42.95 -6.33 -5.56
CA VAL B 150 -43.22 -7.55 -4.81
C VAL B 150 -42.13 -7.78 -3.78
N SER B 151 -42.50 -8.20 -2.58
CA SER B 151 -41.53 -8.59 -1.58
C SER B 151 -42.00 -9.85 -0.87
N MET B 152 -41.09 -10.80 -0.65
CA MET B 152 -41.47 -12.05 -0.03
C MET B 152 -40.74 -12.24 1.29
N ASN B 153 -41.37 -13.02 2.15
CA ASN B 153 -40.68 -13.56 3.31
C ASN B 153 -39.99 -14.85 2.87
N TYR B 154 -38.81 -15.11 3.45
CA TYR B 154 -38.15 -16.40 3.28
C TYR B 154 -37.57 -16.86 4.61
N ARG B 155 -37.50 -18.17 4.78
CA ARG B 155 -37.01 -18.72 6.04
C ARG B 155 -35.54 -18.32 6.27
N VAL B 156 -35.24 -17.96 7.51
CA VAL B 156 -33.90 -17.61 7.92
C VAL B 156 -33.41 -18.51 9.05
N GLY B 157 -32.16 -18.34 9.43
CA GLY B 157 -31.59 -19.16 10.49
C GLY B 157 -31.63 -20.62 10.16
N THR B 158 -31.77 -21.44 11.19
CA THR B 158 -31.81 -22.88 11.02
C THR B 158 -32.96 -23.33 10.11
N PHE B 159 -34.11 -22.72 10.29
CA PHE B 159 -35.31 -23.07 9.55
C PHE B 159 -35.13 -22.93 8.07
N GLY B 160 -34.29 -21.97 7.69
CA GLY B 160 -34.00 -21.69 6.29
C GLY B 160 -32.74 -22.32 5.72
N PHE B 161 -31.76 -22.59 6.58
CA PHE B 161 -30.44 -22.97 6.05
C PHE B 161 -29.73 -24.10 6.76
N LEU B 162 -30.32 -24.66 7.81
CA LEU B 162 -29.71 -25.84 8.42
C LEU B 162 -29.74 -26.94 7.39
N ALA B 163 -28.59 -27.57 7.20
CA ALA B 163 -28.40 -28.56 6.15
C ALA B 163 -27.60 -29.77 6.63
N LEU B 164 -28.06 -30.93 6.20
CA LEU B 164 -27.25 -32.12 6.24
C LEU B 164 -27.15 -32.62 4.81
N PRO B 165 -26.17 -32.13 4.07
CA PRO B 165 -26.04 -32.32 2.62
C PRO B 165 -26.03 -33.77 2.20
N GLY B 166 -26.85 -34.08 1.21
CA GLY B 166 -27.04 -35.45 0.78
C GLY B 166 -28.36 -36.02 1.23
N SER B 167 -28.86 -35.56 2.39
CA SER B 167 -30.15 -36.03 2.89
C SER B 167 -31.29 -35.42 2.12
N ARG B 168 -32.49 -35.96 2.27
CA ARG B 168 -33.66 -35.34 1.64
C ARG B 168 -34.59 -34.64 2.61
N GLU B 169 -34.31 -34.77 3.91
CA GLU B 169 -35.10 -34.07 4.91
C GLU B 169 -34.54 -32.69 5.21
N ALA B 170 -33.23 -32.51 4.96
CA ALA B 170 -32.58 -31.21 5.15
C ALA B 170 -31.48 -30.94 4.11
N PRO B 171 -31.88 -30.75 2.85
CA PRO B 171 -30.94 -30.65 1.74
C PRO B 171 -30.18 -29.32 1.72
N GLY B 172 -30.66 -28.34 2.47
CA GLY B 172 -30.04 -27.03 2.53
C GLY B 172 -30.59 -26.08 1.47
N ASN B 173 -30.30 -24.81 1.68
CA ASN B 173 -30.74 -23.75 0.80
C ASN B 173 -32.26 -23.56 0.67
N VAL B 174 -33.06 -24.03 1.62
CA VAL B 174 -34.51 -23.95 1.43
C VAL B 174 -35.05 -22.50 1.50
N GLY B 175 -34.32 -21.63 2.21
CA GLY B 175 -34.67 -20.22 2.20
C GLY B 175 -34.54 -19.61 0.81
N LEU B 176 -33.51 -20.04 0.07
CA LEU B 176 -33.35 -19.63 -1.32
C LEU B 176 -34.47 -20.22 -2.17
N LEU B 177 -34.87 -21.43 -1.86
CA LEU B 177 -35.99 -22.07 -2.56
C LEU B 177 -37.30 -21.34 -2.27
N ASP B 178 -37.45 -20.81 -1.05
CA ASP B 178 -38.60 -19.98 -0.73
C ASP B 178 -38.61 -18.79 -1.68
N GLN B 179 -37.48 -18.11 -1.77
CA GLN B 179 -37.37 -16.97 -2.65
C GLN B 179 -37.70 -17.36 -4.09
N ARG B 180 -37.17 -18.48 -4.56
CA ARG B 180 -37.41 -18.92 -5.94
C ARG B 180 -38.89 -19.23 -6.20
N LEU B 181 -39.54 -19.84 -5.22
CA LEU B 181 -40.95 -20.16 -5.34
C LEU B 181 -41.75 -18.86 -5.47
N ALA B 182 -41.34 -17.86 -4.72
CA ALA B 182 -41.97 -16.56 -4.84
C ALA B 182 -41.77 -15.99 -6.24
N LEU B 183 -40.58 -16.21 -6.81
CA LEU B 183 -40.31 -15.76 -8.17
C LEU B 183 -41.23 -16.46 -9.16
N GLN B 184 -41.41 -17.75 -8.98
CA GLN B 184 -42.33 -18.52 -9.82
C GLN B 184 -43.74 -17.99 -9.69
N TRP B 185 -44.13 -17.68 -8.45
CA TRP B 185 -45.46 -17.14 -8.20
C TRP B 185 -45.67 -15.84 -8.97
N VAL B 186 -44.67 -14.98 -8.95
CA VAL B 186 -44.71 -13.74 -9.72
C VAL B 186 -44.86 -14.05 -11.23
N GLN B 187 -44.10 -15.01 -11.74
CA GLN B 187 -44.24 -15.37 -13.15
C GLN B 187 -45.65 -15.79 -13.50
N GLU B 188 -46.30 -16.55 -12.61
CA GLU B 188 -47.61 -17.10 -12.91
C GLU B 188 -48.71 -16.11 -12.64
N ASN B 189 -48.53 -15.19 -11.71
CA ASN B 189 -49.66 -14.40 -11.25
C ASN B 189 -49.56 -12.88 -11.38
N ILE B 190 -48.36 -12.32 -11.56
CA ILE B 190 -48.19 -10.88 -11.48
C ILE B 190 -48.95 -10.12 -12.57
N ALA B 191 -49.20 -10.79 -13.68
CA ALA B 191 -49.97 -10.17 -14.78
C ALA B 191 -51.39 -9.75 -14.35
N ALA B 192 -52.00 -10.51 -13.45
CA ALA B 192 -53.30 -10.15 -12.88
C ALA B 192 -53.29 -8.84 -12.11
N PHE B 193 -52.12 -8.38 -11.72
CA PHE B 193 -52.01 -7.13 -10.99
C PHE B 193 -51.55 -5.98 -11.87
N GLY B 194 -51.33 -6.26 -13.14
CA GLY B 194 -50.83 -5.26 -14.09
C GLY B 194 -49.32 -5.34 -14.31
N GLY B 195 -48.68 -6.36 -13.74
CA GLY B 195 -47.26 -6.53 -13.84
C GLY B 195 -46.87 -7.25 -15.11
N ASP B 196 -45.63 -7.03 -15.53
CA ASP B 196 -45.08 -7.68 -16.72
C ASP B 196 -44.12 -8.79 -16.31
N PRO B 197 -44.55 -10.05 -16.48
CA PRO B 197 -43.66 -11.16 -16.16
C PRO B 197 -42.43 -11.21 -17.04
N MET B 198 -42.42 -10.47 -18.14
CA MET B 198 -41.25 -10.45 -19.06
C MET B 198 -40.23 -9.34 -18.74
N SER B 199 -40.55 -8.48 -17.76
CA SER B 199 -39.61 -7.50 -17.23
C SER B 199 -39.59 -7.56 -15.70
N VAL B 200 -38.78 -8.46 -15.17
CA VAL B 200 -38.66 -8.63 -13.75
C VAL B 200 -37.23 -8.33 -13.28
N THR B 201 -37.13 -7.41 -12.32
CA THR B 201 -35.87 -7.05 -11.73
C THR B 201 -35.82 -7.42 -10.24
N LEU B 202 -34.84 -8.24 -9.88
CA LEU B 202 -34.57 -8.54 -8.46
C LEU B 202 -33.71 -7.45 -7.87
N PHE B 203 -34.01 -7.03 -6.64
CA PHE B 203 -33.16 -6.09 -5.93
C PHE B 203 -33.13 -6.45 -4.48
N GLY B 204 -31.99 -6.30 -3.82
CA GLY B 204 -31.86 -6.65 -2.42
C GLY B 204 -30.62 -6.06 -1.81
N GLU B 205 -30.58 -6.04 -0.49
CA GLU B 205 -29.46 -5.47 0.22
C GLU B 205 -28.89 -6.55 1.16
N MIS B 206 -27.43 -6.49 1.40
CA MIS B 206 -26.79 -7.43 2.31
CB MIS B 206 -27.25 -7.23 3.78
OG MIS B 206 -26.15 -7.42 4.65
P MIS B 206 -26.23 -8.43 5.92
O1P MIS B 206 -24.90 -9.30 5.79
O2P MIS B 206 -27.48 -9.18 6.00
O3P MIS B 206 -25.84 -7.51 7.19
C1 MIS B 206 -26.68 -7.24 8.30
C2 MIS B 206 -26.60 -8.39 9.30
C3 MIS B 206 -28.13 -7.06 7.82
C MIS B 206 -26.99 -8.85 1.86
O MIS B 206 -26.72 -9.34 0.75
N ALA B 207 -27.62 -9.78 2.88
CA ALA B 207 -27.93 -11.17 2.54
C ALA B 207 -28.90 -11.26 1.35
N GLY B 208 -29.71 -10.25 1.18
CA GLY B 208 -30.61 -10.17 0.07
C GLY B 208 -29.88 -9.98 -1.24
N ALA B 209 -28.84 -9.13 -1.20
CA ALA B 209 -27.97 -8.94 -2.36
C ALA B 209 -27.21 -10.23 -2.72
N ALA B 210 -26.67 -10.88 -1.68
CA ALA B 210 -26.04 -12.18 -1.88
C ALA B 210 -27.04 -13.16 -2.51
N SER B 211 -28.28 -13.14 -1.99
CA SER B 211 -29.35 -14.05 -2.51
C SER B 211 -29.60 -13.80 -3.97
N VAL B 212 -29.75 -12.53 -4.33
CA VAL B 212 -29.94 -12.13 -5.72
C VAL B 212 -28.82 -12.73 -6.58
N GLY B 213 -27.59 -12.49 -6.13
CA GLY B 213 -26.43 -13.08 -6.77
C GLY B 213 -26.52 -14.59 -6.97
N MET B 214 -27.03 -15.29 -5.96
CA MET B 214 -27.18 -16.72 -6.04
C MET B 214 -28.26 -17.15 -7.02
N HIS B 215 -29.28 -16.31 -7.21
CA HIS B 215 -30.26 -16.58 -8.26
C HIS B 215 -29.62 -16.38 -9.63
N ILE B 216 -28.71 -15.41 -9.72
CA ILE B 216 -27.94 -15.22 -10.94
C ILE B 216 -27.14 -16.48 -11.26
N LEU B 217 -26.59 -17.11 -10.22
CA LEU B 217 -25.69 -18.25 -10.40
C LEU B 217 -26.39 -19.63 -10.33
N SER B 218 -27.71 -19.65 -10.30
CA SER B 218 -28.44 -20.90 -10.26
C SER B 218 -29.40 -20.97 -11.43
N LEU B 219 -29.22 -22.00 -12.27
CA LEU B 219 -29.89 -22.08 -13.56
C LEU B 219 -31.41 -22.09 -13.51
N PRO B 220 -32.02 -22.90 -12.62
CA PRO B 220 -33.48 -22.81 -12.54
C PRO B 220 -34.02 -21.41 -12.22
N SER B 221 -33.29 -20.62 -11.44
CA SER B 221 -33.74 -19.27 -11.08
C SER B 221 -33.66 -18.32 -12.26
N ARG B 222 -32.74 -18.60 -13.18
CA ARG B 222 -32.42 -17.67 -14.28
C ARG B 222 -33.57 -17.39 -15.23
N SER B 223 -34.49 -18.34 -15.33
CA SER B 223 -35.64 -18.15 -16.18
C SER B 223 -36.77 -17.35 -15.52
N LEU B 224 -36.53 -16.81 -14.31
CA LEU B 224 -37.57 -16.15 -13.54
C LEU B 224 -37.31 -14.65 -13.36
N PHE B 225 -36.21 -14.15 -13.91
CA PHE B 225 -35.96 -12.71 -13.86
C PHE B 225 -35.06 -12.30 -15.01
N HIS B 226 -34.88 -11.00 -15.18
CA HIS B 226 -34.09 -10.50 -16.26
C HIS B 226 -32.99 -9.57 -15.88
N ARG B 227 -33.14 -8.93 -14.75
CA ARG B 227 -32.19 -7.95 -14.27
C ARG B 227 -31.99 -8.08 -12.75
N ALA B 228 -30.89 -7.53 -12.25
CA ALA B 228 -30.53 -7.71 -10.87
C ALA B 228 -29.86 -6.48 -10.27
N VAL B 229 -30.15 -6.23 -8.99
CA VAL B 229 -29.49 -5.20 -8.25
C VAL B 229 -28.97 -5.75 -6.94
N LEU B 230 -27.66 -5.60 -6.71
CA LEU B 230 -27.03 -6.12 -5.51
C LEU B 230 -26.49 -4.96 -4.68
N GLN B 231 -27.17 -4.62 -3.59
CA GLN B 231 -26.77 -3.50 -2.74
C GLN B 231 -26.01 -4.02 -1.52
N SER B 232 -24.72 -3.75 -1.50
CA SER B 232 -23.87 -4.05 -0.33
C SER B 232 -23.84 -5.53 0.05
N GLY B 233 -23.73 -6.38 -0.95
CA GLY B 233 -23.68 -7.83 -0.72
C GLY B 233 -23.46 -8.63 -1.99
N THR B 234 -22.85 -9.80 -1.85
CA THR B 234 -22.47 -10.62 -2.99
C THR B 234 -22.59 -12.12 -2.67
N PRO B 235 -22.78 -12.93 -3.70
CA PRO B 235 -22.79 -14.37 -3.47
C PRO B 235 -21.40 -14.91 -3.13
N ASN B 236 -20.37 -14.31 -3.73
CA ASN B 236 -18.98 -14.62 -3.37
C ASN B 236 -18.62 -13.91 -2.08
N GLY B 237 -17.42 -14.17 -1.56
CA GLY B 237 -16.96 -13.53 -0.34
C GLY B 237 -16.94 -14.52 0.80
N PRO B 238 -16.57 -14.08 1.99
CA PRO B 238 -16.28 -14.95 3.13
C PRO B 238 -17.47 -15.34 3.99
N TRP B 239 -18.61 -14.68 3.84
CA TRP B 239 -19.74 -14.89 4.76
C TRP B 239 -21.00 -15.52 4.14
N ALA B 240 -21.15 -15.45 2.83
CA ALA B 240 -22.42 -15.75 2.20
C ALA B 240 -22.65 -17.23 2.03
N THR B 241 -21.57 -18.02 1.97
CA THR B 241 -21.69 -19.47 1.74
C THR B 241 -20.79 -20.28 2.65
N VAL B 242 -21.16 -21.54 2.83
CA VAL B 242 -20.31 -22.51 3.54
C VAL B 242 -20.24 -23.78 2.71
N SER B 243 -19.21 -24.58 2.96
CA SER B 243 -19.06 -25.86 2.28
C SER B 243 -20.06 -26.88 2.85
N ALA B 244 -20.26 -27.97 2.11
CA ALA B 244 -21.18 -29.03 2.54
C ALA B 244 -20.73 -29.66 3.84
N GLY B 245 -19.42 -29.89 3.96
CA GLY B 245 -18.86 -30.49 5.16
C GLY B 245 -19.03 -29.61 6.37
N GLU B 246 -18.77 -28.33 6.21
CA GLU B 246 -18.89 -27.40 7.32
C GLU B 246 -20.36 -27.22 7.73
N ALA B 247 -21.27 -27.26 6.76
CA ALA B 247 -22.69 -27.15 7.06
C ALA B 247 -23.14 -28.35 7.86
N ARG B 248 -22.69 -29.52 7.46
CA ARG B 248 -22.95 -30.75 8.20
C ARG B 248 -22.43 -30.68 9.63
N ARG B 249 -21.23 -30.15 9.77
CA ARG B 249 -20.60 -30.06 11.07
C ARG B 249 -21.41 -29.15 11.99
N ARG B 250 -21.84 -28.01 11.46
CA ARG B 250 -22.60 -27.04 12.23
C ARG B 250 -23.99 -27.55 12.58
N ALA B 251 -24.62 -28.24 11.65
CA ALA B 251 -25.93 -28.82 11.90
C ALA B 251 -25.86 -29.86 13.00
N THR B 252 -24.83 -30.70 12.92
CA THR B 252 -24.63 -31.77 13.89
C THR B 252 -24.34 -31.19 15.28
N LEU B 253 -23.54 -30.13 15.31
CA LEU B 253 -23.22 -29.48 16.57
C LEU B 253 -24.46 -28.88 17.24
N LEU B 254 -25.27 -28.16 16.46
CA LEU B 254 -26.53 -27.61 16.94
C LEU B 254 -27.47 -28.72 17.42
N ALA B 255 -27.54 -29.79 16.65
CA ALA B 255 -28.30 -30.98 17.04
C ALA B 255 -27.87 -31.45 18.44
N ARG B 256 -26.56 -31.55 18.67
CA ARG B 256 -26.16 -32.03 19.96
C ARG B 256 -26.45 -30.99 21.04
N LEU B 257 -26.35 -29.72 20.73
CA LEU B 257 -26.64 -28.68 21.72
C LEU B 257 -28.10 -28.68 22.19
N VAL B 258 -29.01 -29.23 21.38
CA VAL B 258 -30.42 -29.27 21.74
C VAL B 258 -30.87 -30.66 22.14
N GLY B 259 -29.90 -31.57 22.28
CA GLY B 259 -30.15 -32.92 22.77
C GLY B 259 -30.45 -33.95 21.70
N CYS B 260 -29.93 -33.75 20.49
CA CYS B 260 -30.23 -34.65 19.37
C CYS B 260 -28.96 -35.29 18.83
N PRO B 261 -28.94 -36.63 18.64
CA PRO B 261 -29.98 -37.64 18.92
C PRO B 261 -30.37 -37.73 20.40
N ASN B 268 -27.07 -41.43 11.63
CA ASN B 268 -28.23 -41.47 10.74
C ASN B 268 -28.87 -40.09 10.64
N ASP B 269 -28.87 -39.54 9.44
CA ASP B 269 -29.42 -38.19 9.20
C ASP B 269 -30.92 -38.11 9.52
N THR B 270 -31.67 -39.14 9.13
CA THR B 270 -33.12 -39.15 9.29
C THR B 270 -33.53 -39.01 10.73
N GLU B 271 -32.83 -39.71 11.60
CA GLU B 271 -33.07 -39.74 13.03
C GLU B 271 -32.87 -38.38 13.65
N LEU B 272 -31.71 -37.82 13.29
CA LEU B 272 -31.27 -36.52 13.81
C LEU B 272 -32.22 -35.39 13.39
N ILE B 273 -32.59 -35.39 12.13
CA ILE B 273 -33.49 -34.37 11.61
C ILE B 273 -34.88 -34.50 12.24
N ALA B 274 -35.36 -35.71 12.41
CA ALA B 274 -36.66 -35.92 13.04
C ALA B 274 -36.65 -35.38 14.47
N CYS B 275 -35.59 -35.65 15.20
CA CYS B 275 -35.43 -35.10 16.56
C CYS B 275 -35.42 -33.58 16.52
N LEU B 276 -34.68 -33.00 15.59
CA LEU B 276 -34.70 -31.55 15.42
C LEU B 276 -36.10 -31.00 15.14
N ARG B 277 -36.87 -31.71 14.32
CA ARG B 277 -38.23 -31.32 14.04
C ARG B 277 -39.13 -31.40 15.28
N THR B 278 -38.74 -32.16 16.29
CA THR B 278 -39.50 -32.20 17.53
C THR B 278 -39.20 -30.98 18.42
N ARG B 279 -38.13 -30.26 18.14
CA ARG B 279 -37.76 -29.14 19.01
C ARG B 279 -38.53 -27.86 18.73
N PRO B 280 -38.96 -27.16 19.78
CA PRO B 280 -39.59 -25.87 19.62
C PRO B 280 -38.66 -24.86 18.99
N ALA B 281 -39.22 -23.95 18.20
CA ALA B 281 -38.44 -23.03 17.40
C ALA B 281 -37.41 -22.26 18.22
N GLN B 282 -37.82 -21.83 19.41
CA GLN B 282 -37.00 -20.96 20.24
C GLN B 282 -35.78 -21.69 20.81
N ASP B 283 -35.85 -22.99 20.99
CA ASP B 283 -34.67 -23.76 21.43
C ASP B 283 -33.57 -23.67 20.37
N LEU B 284 -33.98 -23.88 19.13
CA LEU B 284 -33.08 -23.77 18.00
C LEU B 284 -32.47 -22.36 17.94
N VAL B 285 -33.32 -21.34 18.03
CA VAL B 285 -32.83 -19.96 18.03
C VAL B 285 -31.87 -19.70 19.19
N ASP B 286 -32.19 -20.23 20.36
CA ASP B 286 -31.35 -20.05 21.55
C ASP B 286 -29.96 -20.61 21.37
N HIS B 287 -29.81 -21.65 20.58
CA HIS B 287 -28.50 -22.27 20.42
C HIS B 287 -27.78 -21.93 19.11
N GLU B 288 -28.42 -21.19 18.22
CA GLU B 288 -27.89 -21.05 16.86
C GLU B 288 -26.56 -20.26 16.79
N TRP B 289 -26.29 -19.44 17.80
CA TRP B 289 -25.05 -18.67 17.82
C TRP B 289 -23.91 -19.42 18.48
N HIS B 290 -24.20 -20.49 19.21
CA HIS B 290 -23.17 -21.25 19.93
C HIS B 290 -22.49 -22.33 19.08
N VAL B 291 -22.56 -22.21 17.76
CA VAL B 291 -22.04 -23.28 16.92
C VAL B 291 -20.90 -22.80 16.06
N LEU B 292 -20.79 -21.50 15.86
CA LEU B 292 -19.85 -20.97 14.87
C LEU B 292 -18.42 -21.08 15.38
N PRO B 293 -17.50 -21.45 14.47
CA PRO B 293 -16.09 -21.80 14.75
C PRO B 293 -15.32 -20.81 15.63
N GLN B 294 -15.23 -19.56 15.19
CA GLN B 294 -14.25 -18.60 15.65
C GLN B 294 -14.98 -17.42 16.29
N GLU B 295 -14.25 -16.52 16.92
CA GLU B 295 -14.89 -15.27 17.33
C GLU B 295 -14.89 -14.39 16.09
N SER B 296 -16.08 -13.87 15.77
CA SER B 296 -16.25 -13.21 14.49
C SER B 296 -17.48 -12.31 14.34
N ILE B 297 -17.19 -11.10 13.88
CA ILE B 297 -18.20 -10.14 13.44
C ILE B 297 -18.46 -10.35 11.93
N PHE B 298 -19.67 -10.07 11.49
CA PHE B 298 -19.86 -10.32 10.06
C PHE B 298 -19.84 -11.82 9.74
N ARG B 299 -20.31 -12.73 10.60
CA ARG B 299 -20.21 -14.15 10.33
C ARG B 299 -21.33 -14.92 11.04
N PHE B 300 -22.03 -15.75 10.28
CA PHE B 300 -23.32 -16.31 10.72
C PHE B 300 -23.34 -17.82 10.52
N SER B 301 -23.98 -18.50 11.45
CA SER B 301 -23.94 -19.97 11.50
C SER B 301 -24.63 -20.68 10.31
N PHE B 302 -25.78 -20.17 9.90
CA PHE B 302 -26.57 -20.87 8.90
C PHE B 302 -26.89 -20.04 7.65
N VAL B 303 -26.16 -20.36 6.59
CA VAL B 303 -26.13 -19.58 5.39
C VAL B 303 -26.24 -20.53 4.21
N PRO B 304 -26.38 -19.98 2.99
CA PRO B 304 -26.46 -20.85 1.86
C PRO B 304 -25.26 -21.80 1.78
N VAL B 305 -25.52 -23.04 1.37
CA VAL B 305 -24.49 -24.08 1.29
C VAL B 305 -24.19 -24.49 -0.15
N VAL B 306 -22.91 -24.65 -0.47
CA VAL B 306 -22.49 -25.12 -1.78
C VAL B 306 -22.85 -26.61 -1.84
N ASP B 307 -24.04 -26.90 -2.34
CA ASP B 307 -24.64 -28.23 -2.25
C ASP B 307 -24.45 -29.07 -3.51
N GLY B 308 -23.93 -28.46 -4.56
CA GLY B 308 -23.83 -29.12 -5.85
C GLY B 308 -25.18 -29.28 -6.53
N ASP B 309 -26.18 -28.55 -6.07
CA ASP B 309 -27.51 -28.58 -6.66
C ASP B 309 -27.99 -27.15 -6.96
N PHE B 310 -28.45 -26.42 -5.94
CA PHE B 310 -28.79 -25.02 -6.11
C PHE B 310 -27.54 -24.25 -6.55
N LEU B 311 -26.44 -24.49 -5.83
CA LEU B 311 -25.14 -23.98 -6.24
C LEU B 311 -24.32 -25.14 -6.75
N SER B 312 -24.13 -25.20 -8.08
CA SER B 312 -23.44 -26.35 -8.69
C SER B 312 -21.95 -26.33 -8.41
N ASP B 313 -21.46 -25.20 -7.91
CA ASP B 313 -20.08 -25.05 -7.50
C ASP B 313 -19.99 -23.83 -6.59
N THR B 314 -18.80 -23.50 -6.10
CA THR B 314 -18.63 -22.29 -5.31
C THR B 314 -18.99 -21.07 -6.15
N PRO B 315 -19.54 -20.03 -5.52
CA PRO B 315 -19.85 -18.81 -6.23
C PRO B 315 -18.65 -18.22 -6.96
N GLU B 316 -17.46 -18.34 -6.37
CA GLU B 316 -16.33 -17.74 -7.10
C GLU B 316 -15.97 -18.57 -8.33
N ALA B 317 -16.05 -19.88 -8.29
CA ALA B 317 -15.92 -20.70 -9.48
C ALA B 317 -16.97 -20.34 -10.55
N LEU B 318 -18.22 -20.19 -10.13
CA LEU B 318 -19.28 -19.93 -11.07
C LEU B 318 -19.15 -18.54 -11.70
N ILE B 319 -18.67 -17.55 -10.96
CA ILE B 319 -18.52 -16.20 -11.54
C ILE B 319 -17.25 -16.15 -12.38
N ASN B 320 -16.33 -17.05 -12.11
CA ASN B 320 -15.10 -17.12 -12.90
C ASN B 320 -15.32 -17.80 -14.23
N THR B 321 -16.26 -18.73 -14.30
CA THR B 321 -16.46 -19.52 -15.50
C THR B 321 -17.78 -19.22 -16.21
N GLY B 322 -18.60 -18.36 -15.66
CA GLY B 322 -19.93 -18.12 -16.19
C GLY B 322 -19.99 -17.24 -17.42
N ASP B 323 -21.03 -17.45 -18.23
CA ASP B 323 -21.34 -16.55 -19.34
C ASP B 323 -22.53 -15.65 -18.96
N PHE B 324 -22.30 -14.35 -18.89
CA PHE B 324 -23.32 -13.44 -18.39
C PHE B 324 -23.72 -12.43 -19.42
N GLN B 325 -23.70 -12.84 -20.68
CA GLN B 325 -23.92 -12.08 -21.89
C GLN B 325 -25.19 -11.26 -21.92
N ASP B 326 -26.25 -11.90 -21.46
CA ASP B 326 -27.57 -11.26 -21.57
C ASP B 326 -28.10 -10.74 -20.23
N LEU B 327 -27.19 -10.37 -19.35
CA LEU B 327 -27.52 -9.94 -18.02
C LEU B 327 -27.13 -8.48 -17.83
N GLN B 328 -28.03 -7.70 -17.25
CA GLN B 328 -27.69 -6.37 -16.76
C GLN B 328 -27.72 -6.35 -15.23
N VAL B 329 -26.70 -5.74 -14.63
CA VAL B 329 -26.55 -5.70 -13.19
C VAL B 329 -26.19 -4.32 -12.68
N LEU B 330 -26.81 -3.95 -11.57
CA LEU B 330 -26.50 -2.74 -10.85
C LEU B 330 -25.99 -3.11 -9.47
N VAL B 331 -24.77 -2.69 -9.16
CA VAL B 331 -24.11 -3.04 -7.90
C VAL B 331 -23.50 -1.84 -7.21
N GLY B 332 -23.34 -1.92 -5.90
CA GLY B 332 -22.79 -0.81 -5.15
C GLY B 332 -22.60 -1.04 -3.68
N VAL B 333 -22.09 -0.04 -3.02
CA VAL B 333 -21.78 -0.10 -1.61
C VAL B 333 -22.08 1.24 -0.95
N VAL B 334 -22.15 1.27 0.36
CA VAL B 334 -22.22 2.54 1.08
C VAL B 334 -20.81 2.93 1.48
N LYS B 335 -20.64 4.15 1.99
CA LYS B 335 -19.32 4.69 2.31
C LYS B 335 -18.62 3.97 3.47
N ASP B 336 -19.40 3.48 4.41
CA ASP B 336 -18.85 2.87 5.63
C ASP B 336 -19.51 1.51 5.91
N GLU B 337 -19.14 0.54 5.10
CA GLU B 337 -19.71 -0.78 5.20
C GLU B 337 -19.40 -1.46 6.52
N GLY B 338 -18.25 -1.18 7.09
CA GLY B 338 -17.78 -1.93 8.28
C GLY B 338 -18.19 -1.38 9.63
N SER B 339 -18.63 -0.13 9.67
CA SER B 339 -18.86 0.56 10.95
C SER B 339 -19.89 -0.15 11.84
N TYR B 340 -21.00 -0.53 11.23
CA TYR B 340 -22.14 -1.14 11.92
C TYR B 340 -21.75 -2.40 12.67
N PHE B 341 -20.77 -3.13 12.18
CA PHE B 341 -20.46 -4.45 12.72
C PHE B 341 -19.41 -4.38 13.83
N LEU B 342 -18.75 -3.25 13.96
CA LEU B 342 -17.76 -3.04 15.00
C LEU B 342 -18.41 -2.99 16.37
N VAL B 343 -19.59 -2.38 16.44
CA VAL B 343 -20.30 -2.25 17.72
C VAL B 343 -20.90 -3.58 18.16
N TYR B 344 -20.80 -4.60 17.32
CA TYR B 344 -21.35 -5.92 17.63
C TYR B 344 -20.27 -6.97 17.94
N GLY B 345 -19.39 -6.68 18.90
CA GLY B 345 -18.41 -7.69 19.34
C GLY B 345 -16.92 -7.39 19.19
N VAL B 346 -16.56 -6.23 18.68
CA VAL B 346 -15.17 -5.83 18.71
C VAL B 346 -14.92 -4.96 19.94
N PRO B 347 -14.02 -5.43 20.83
CA PRO B 347 -13.66 -4.74 22.08
C PRO B 347 -13.16 -3.31 21.87
N GLY B 348 -13.88 -2.35 22.42
CA GLY B 348 -13.49 -0.95 22.28
C GLY B 348 -14.51 -0.13 21.51
N PHE B 349 -15.48 -0.82 20.91
CA PHE B 349 -16.53 -0.16 20.11
C PHE B 349 -17.91 -0.17 20.76
N SER B 350 -18.62 0.95 20.59
CA SER B 350 -19.95 1.13 21.14
C SER B 350 -20.64 2.27 20.39
N LYS B 351 -21.97 2.32 20.44
CA LYS B 351 -22.72 3.41 19.82
C LYS B 351 -22.71 4.67 20.69
N ASP B 352 -22.23 4.54 21.92
CA ASP B 352 -22.30 5.60 22.93
C ASP B 352 -20.99 6.39 23.06
N ASN B 353 -19.86 5.70 22.95
CA ASN B 353 -18.56 6.36 22.87
C ASN B 353 -18.35 6.79 21.43
N GLU B 354 -17.21 7.41 21.18
CA GLU B 354 -16.74 7.63 19.82
C GLU B 354 -15.81 6.47 19.42
N SER B 355 -15.72 5.48 20.30
CA SER B 355 -15.08 4.18 20.02
C SER B 355 -13.59 4.26 19.64
N LEU B 356 -12.89 5.24 20.20
CA LEU B 356 -11.46 5.36 20.01
C LEU B 356 -10.76 4.14 20.61
N ILE B 357 -9.82 3.56 19.89
CA ILE B 357 -9.17 2.32 20.33
C ILE B 357 -7.64 2.42 20.27
N SER B 358 -6.97 1.51 21.00
CA SER B 358 -5.52 1.40 21.00
C SER B 358 -5.08 0.51 19.85
N ARG B 359 -3.76 0.46 19.62
CA ARG B 359 -3.29 -0.33 18.50
C ARG B 359 -3.28 -1.80 18.87
N ALA B 360 -3.18 -2.12 20.16
CA ALA B 360 -3.35 -3.50 20.61
C ALA B 360 -4.76 -3.98 20.29
N GLN B 361 -5.72 -3.11 20.59
CA GLN B 361 -7.13 -3.36 20.29
C GLN B 361 -7.31 -3.55 18.80
N PHE B 362 -6.65 -2.71 18.01
CA PHE B 362 -6.69 -2.81 16.54
C PHE B 362 -6.18 -4.17 16.06
N LEU B 363 -5.07 -4.64 16.59
CA LEU B 363 -4.51 -5.95 16.20
C LEU B 363 -5.47 -7.06 16.51
N ALA B 364 -6.00 -7.02 17.72
CA ALA B 364 -6.96 -8.02 18.18
C ALA B 364 -8.22 -7.98 17.30
N GLY B 365 -8.72 -6.77 17.05
CA GLY B 365 -9.88 -6.54 16.20
C GLY B 365 -9.70 -7.06 14.78
N VAL B 366 -8.50 -6.96 14.25
CA VAL B 366 -8.19 -7.56 12.96
C VAL B 366 -8.30 -9.07 13.06
N ARG B 367 -7.80 -9.64 14.15
CA ARG B 367 -7.88 -11.10 14.34
C ARG B 367 -9.31 -11.58 14.37
N ILE B 368 -10.18 -10.75 14.95
CA ILE B 368 -11.62 -11.06 15.06
C ILE B 368 -12.35 -10.89 13.73
N GLY B 369 -12.15 -9.73 13.11
CA GLY B 369 -12.82 -9.40 11.87
C GLY B 369 -12.32 -10.22 10.70
N VAL B 370 -11.12 -10.77 10.85
CA VAL B 370 -10.54 -11.61 9.82
C VAL B 370 -10.10 -12.92 10.42
N PRO B 371 -11.05 -13.75 10.86
CA PRO B 371 -10.73 -14.99 11.56
C PRO B 371 -10.15 -16.10 10.70
N GLN B 372 -10.38 -16.06 9.39
CA GLN B 372 -9.55 -17.23 9.10
C GLN B 372 -8.24 -16.82 8.46
N ALA B 373 -7.77 -15.60 8.70
CA ALA B 373 -6.39 -15.22 8.36
C ALA B 373 -5.33 -15.84 9.26
N SER B 374 -4.28 -16.37 8.63
CA SER B 374 -3.08 -16.80 9.36
C SER B 374 -2.39 -15.60 10.00
N ASP B 375 -1.44 -15.86 10.88
CA ASP B 375 -0.73 -14.78 11.59
C ASP B 375 -0.07 -13.82 10.61
N LEU B 376 0.50 -14.39 9.56
CA LEU B 376 1.14 -13.60 8.53
C LEU B 376 0.16 -12.74 7.75
N ALA B 377 -0.95 -13.33 7.35
CA ALA B 377 -1.98 -12.58 6.62
C ALA B 377 -2.56 -11.46 7.50
N ALA B 378 -2.78 -11.76 8.77
CA ALA B 378 -3.31 -10.79 9.70
C ALA B 378 -2.35 -9.62 9.83
N GLU B 379 -1.06 -9.92 9.91
CA GLU B 379 -0.06 -8.86 10.01
C GLU B 379 -0.02 -8.04 8.72
N ALA B 380 -0.20 -8.72 7.59
CA ALA B 380 -0.25 -8.03 6.32
C ALA B 380 -1.39 -7.03 6.32
N VAL B 381 -2.56 -7.45 6.82
CA VAL B 381 -3.72 -6.54 6.92
C VAL B 381 -3.41 -5.33 7.81
N VAL B 382 -2.87 -5.63 8.99
CA VAL B 382 -2.47 -4.62 9.96
C VAL B 382 -1.56 -3.57 9.36
N LEU B 383 -0.49 -4.03 8.72
CA LEU B 383 0.48 -3.12 8.10
C LEU B 383 -0.14 -2.33 6.96
N HIS B 384 -0.92 -3.01 6.14
CA HIS B 384 -1.56 -2.37 5.01
C HIS B 384 -2.50 -1.25 5.44
N TYR B 385 -3.20 -1.41 6.54
CA TYR B 385 -4.21 -0.43 6.92
C TYR B 385 -3.70 0.62 7.91
N THR B 386 -2.48 0.45 8.39
CA THR B 386 -1.90 1.43 9.30
C THR B 386 -1.55 2.72 8.56
N ASP B 387 -1.88 3.85 9.16
CA ASP B 387 -1.39 5.15 8.67
C ASP B 387 -0.10 5.46 9.43
N TRP B 388 1.02 5.43 8.70
CA TRP B 388 2.32 5.51 9.35
C TRP B 388 2.73 6.92 9.78
N LEU B 389 1.93 7.92 9.45
CA LEU B 389 2.08 9.25 10.05
C LEU B 389 1.43 9.30 11.40
N HIS B 390 0.45 8.44 11.63
CA HIS B 390 -0.24 8.38 12.91
C HIS B 390 -0.62 6.96 13.23
N PRO B 391 0.37 6.10 13.46
CA PRO B 391 0.10 4.68 13.71
C PRO B 391 -0.52 4.37 15.07
N GLU B 392 -0.58 5.36 15.94
CA GLU B 392 -1.11 5.17 17.29
C GLU B 392 -2.41 5.95 17.52
N ASP B 393 -2.74 6.86 16.62
CA ASP B 393 -3.92 7.70 16.77
C ASP B 393 -5.21 6.85 16.80
N PRO B 394 -5.97 6.98 17.90
CA PRO B 394 -7.14 6.13 18.16
C PRO B 394 -8.27 6.33 17.16
N THR B 395 -8.45 7.56 16.68
CA THR B 395 -9.41 7.81 15.60
C THR B 395 -9.04 7.08 14.28
N HIS B 396 -7.76 7.17 13.91
CA HIS B 396 -7.26 6.50 12.72
C HIS B 396 -7.37 4.98 12.84
N LEU B 397 -7.12 4.45 14.04
CA LEU B 397 -7.22 3.01 14.26
C LEU B 397 -8.67 2.52 14.22
N ARG B 398 -9.58 3.36 14.71
CA ARG B 398 -10.99 3.06 14.68
C ARG B 398 -11.46 2.99 13.23
N ASP B 399 -11.23 4.06 12.47
CA ASP B 399 -11.63 4.13 11.08
C ASP B 399 -11.01 3.01 10.28
N ALA B 400 -9.76 2.66 10.62
CA ALA B 400 -9.06 1.59 9.93
C ALA B 400 -9.74 0.25 10.20
N MET B 401 -10.16 0.03 11.44
CA MET B 401 -10.84 -1.21 11.82
C MET B 401 -12.14 -1.36 11.03
N SER B 402 -12.86 -0.26 10.98
CA SER B 402 -14.06 -0.19 10.17
C SER B 402 -13.78 -0.57 8.72
N ALA B 403 -12.77 0.07 8.12
CA ALA B 403 -12.41 -0.18 6.72
C ALA B 403 -11.97 -1.61 6.46
N VAL B 404 -11.32 -2.21 7.44
CA VAL B 404 -10.89 -3.59 7.28
C VAL B 404 -12.12 -4.49 7.15
N VAL B 405 -13.05 -4.34 8.06
CA VAL B 405 -14.25 -5.19 8.03
C VAL B 405 -15.11 -4.93 6.80
N GLY B 406 -15.33 -3.66 6.48
CA GLY B 406 -16.13 -3.30 5.34
C GLY B 406 -15.54 -3.77 4.02
N ASP B 407 -14.24 -3.53 3.83
CA ASP B 407 -13.59 -3.86 2.58
C ASP B 407 -13.56 -5.36 2.41
N HIS B 408 -13.24 -6.03 3.49
CA HIS B 408 -13.11 -7.47 3.43
C HIS B 408 -14.43 -8.20 3.17
N ASN B 409 -15.51 -7.70 3.75
CA ASN B 409 -16.80 -8.38 3.65
C ASN B 409 -17.71 -7.88 2.52
N VAL B 410 -17.53 -6.65 2.05
CA VAL B 410 -18.45 -6.10 1.07
C VAL B 410 -17.75 -5.47 -0.13
N VAL B 411 -16.96 -4.41 0.11
CA VAL B 411 -16.40 -3.60 -0.97
C VAL B 411 -15.56 -4.42 -1.98
N CYS B 412 -14.69 -5.27 -1.49
CA CYS B 412 -13.81 -6.05 -2.38
C CYS B 412 -14.51 -7.23 -3.02
N PRO B 413 -15.39 -7.92 -2.26
CA PRO B 413 -16.21 -8.90 -2.98
C PRO B 413 -17.04 -8.24 -4.08
N VAL B 414 -17.55 -7.05 -3.82
CA VAL B 414 -18.36 -6.35 -4.83
C VAL B 414 -17.47 -6.01 -6.03
N ALA B 415 -16.28 -5.48 -5.76
CA ALA B 415 -15.34 -5.10 -6.84
C ALA B 415 -14.96 -6.31 -7.72
N GLN B 416 -14.69 -7.42 -7.07
CA GLN B 416 -14.45 -8.63 -7.79
C GLN B 416 -15.66 -9.10 -8.62
N LEU B 417 -16.85 -9.05 -8.04
CA LEU B 417 -18.03 -9.50 -8.75
C LEU B 417 -18.23 -8.62 -9.97
N ALA B 418 -18.15 -7.32 -9.77
CA ALA B 418 -18.40 -6.39 -10.87
C ALA B 418 -17.38 -6.64 -12.00
N GLY B 419 -16.13 -6.84 -11.62
CA GLY B 419 -15.08 -7.16 -12.57
C GLY B 419 -15.31 -8.41 -13.37
N ARG B 420 -15.62 -9.49 -12.71
CA ARG B 420 -15.89 -10.74 -13.39
C ARG B 420 -17.09 -10.60 -14.32
N LEU B 421 -18.15 -9.99 -13.82
CA LEU B 421 -19.39 -9.91 -14.59
C LEU B 421 -19.15 -9.10 -15.84
N ALA B 422 -18.47 -7.98 -15.70
CA ALA B 422 -18.23 -7.10 -16.83
C ALA B 422 -17.33 -7.79 -17.84
N ALA B 423 -16.32 -8.49 -17.34
CA ALA B 423 -15.38 -9.19 -18.19
C ALA B 423 -16.02 -10.32 -18.95
N GLN B 424 -17.15 -10.81 -18.47
CA GLN B 424 -17.75 -12.00 -19.06
C GLN B 424 -19.14 -11.74 -19.60
N GLY B 425 -19.35 -10.50 -20.07
CA GLY B 425 -20.48 -10.21 -20.94
C GLY B 425 -21.60 -9.38 -20.38
N ALA B 426 -21.64 -9.21 -19.06
CA ALA B 426 -22.75 -8.50 -18.42
C ALA B 426 -22.61 -6.98 -18.57
N ARG B 427 -23.75 -6.30 -18.66
CA ARG B 427 -23.77 -4.86 -18.58
C ARG B 427 -23.83 -4.50 -17.10
N VAL B 428 -22.80 -3.84 -16.59
CA VAL B 428 -22.72 -3.51 -15.18
C VAL B 428 -22.71 -2.01 -14.91
N TYR B 429 -23.46 -1.58 -13.88
CA TYR B 429 -23.40 -0.22 -13.37
C TYR B 429 -23.07 -0.26 -11.87
N ALA B 430 -22.12 0.56 -11.46
CA ALA B 430 -21.60 0.56 -10.10
C ALA B 430 -21.74 1.91 -9.43
N TYR B 431 -22.00 1.90 -8.13
CA TYR B 431 -22.14 3.14 -7.37
C TYR B 431 -21.50 3.01 -6.00
N ILE B 432 -21.20 4.16 -5.41
CA ILE B 432 -20.94 4.22 -3.98
C ILE B 432 -21.89 5.26 -3.40
N PHE B 433 -22.63 4.86 -2.36
CA PHE B 433 -23.64 5.71 -1.72
C PHE B 433 -23.00 6.45 -0.54
N GLU B 434 -23.11 7.77 -0.54
CA GLU B 434 -22.31 8.60 0.37
C GLU B 434 -23.10 9.58 1.24
N HIS B 435 -24.40 9.67 1.05
CA HIS B 435 -25.18 10.57 1.88
C HIS B 435 -25.62 9.94 3.20
N ARG B 436 -25.34 10.63 4.29
CA ARG B 436 -25.80 10.18 5.61
C ARG B 436 -27.14 10.81 5.93
N ALA B 437 -28.12 9.97 6.20
CA ALA B 437 -29.47 10.43 6.50
C ALA B 437 -29.45 11.41 7.66
N SER B 438 -30.13 12.54 7.46
CA SER B 438 -30.25 13.56 8.50
C SER B 438 -30.94 13.00 9.75
N THR B 439 -31.77 11.98 9.56
CA THR B 439 -32.53 11.39 10.65
C THR B 439 -31.83 10.21 11.32
N LEU B 440 -30.59 9.96 10.93
CA LEU B 440 -29.88 8.78 11.41
C LEU B 440 -29.56 8.96 12.88
N THR B 441 -29.82 7.92 13.68
CA THR B 441 -29.62 7.96 15.12
C THR B 441 -28.37 7.23 15.57
N TRP B 442 -27.65 6.63 14.63
CA TRP B 442 -26.34 6.03 14.96
C TRP B 442 -25.32 7.15 15.11
N PRO B 443 -24.28 6.93 15.91
CA PRO B 443 -23.25 7.96 16.11
C PRO B 443 -22.61 8.43 14.79
N LEU B 444 -22.10 9.64 14.80
CA LEU B 444 -21.50 10.25 13.63
C LEU B 444 -20.27 9.49 13.10
N TRP B 445 -19.53 8.85 14.00
CA TRP B 445 -18.28 8.20 13.57
C TRP B 445 -18.53 7.00 12.66
N MET B 446 -19.75 6.50 12.64
CA MET B 446 -20.11 5.34 11.82
C MET B 446 -20.45 5.73 10.38
N GLY B 447 -20.41 7.02 10.12
CA GLY B 447 -20.56 7.56 8.77
C GLY B 447 -21.87 7.20 8.13
N VAL B 448 -21.80 6.65 6.92
CA VAL B 448 -22.96 6.08 6.22
C VAL B 448 -22.94 4.56 6.39
N PRO B 449 -23.56 4.07 7.45
CA PRO B 449 -23.49 2.65 7.76
C PRO B 449 -24.29 1.76 6.81
N HIS B 450 -23.93 0.48 6.85
CA HIS B 450 -24.66 -0.59 6.18
C HIS B 450 -26.19 -0.45 6.24
N GLY B 451 -26.82 -0.46 5.08
CA GLY B 451 -28.26 -0.52 4.98
C GLY B 451 -29.01 0.79 5.00
N TYR B 452 -28.31 1.89 5.16
CA TYR B 452 -28.98 3.18 5.25
C TYR B 452 -29.13 3.95 3.93
N GLU B 453 -29.02 3.23 2.83
CA GLU B 453 -29.39 3.75 1.54
C GLU B 453 -30.83 3.34 1.19
N ILE B 454 -31.30 2.31 1.88
CA ILE B 454 -32.53 1.64 1.52
C ILE B 454 -33.70 2.59 1.60
N GLU B 455 -33.76 3.32 2.70
CA GLU B 455 -34.87 4.25 2.92
C GLU B 455 -35.00 5.32 1.82
N PHE B 456 -33.88 5.66 1.18
CA PHE B 456 -33.88 6.60 0.09
C PHE B 456 -34.35 5.96 -1.21
N ILE B 457 -33.89 4.74 -1.48
CA ILE B 457 -34.28 4.01 -2.69
C ILE B 457 -35.80 3.78 -2.70
N PHE B 458 -36.35 3.46 -1.53
CA PHE B 458 -37.77 3.17 -1.43
C PHE B 458 -38.62 4.45 -1.39
N GLY B 459 -37.96 5.58 -1.21
CA GLY B 459 -38.62 6.88 -1.30
C GLY B 459 -39.32 7.32 -0.02
N LEU B 460 -38.87 6.82 1.11
CA LEU B 460 -39.40 7.24 2.42
C LEU B 460 -39.30 8.75 2.70
N PRO B 461 -38.24 9.43 2.23
CA PRO B 461 -38.25 10.88 2.37
C PRO B 461 -39.41 11.63 1.68
N LEU B 462 -40.18 10.97 0.83
CA LEU B 462 -41.32 11.62 0.19
C LEU B 462 -42.48 11.80 1.15
N ASP B 463 -42.41 11.13 2.29
CA ASP B 463 -43.38 11.28 3.37
C ASP B 463 -43.03 12.48 4.26
N PRO B 464 -43.86 13.53 4.23
CA PRO B 464 -43.58 14.76 4.96
C PRO B 464 -43.50 14.53 6.47
N SER B 465 -44.23 13.54 6.95
CA SER B 465 -44.29 13.29 8.38
C SER B 465 -43.08 12.54 8.92
N LEU B 466 -42.02 12.41 8.14
CA LEU B 466 -40.81 11.69 8.57
C LEU B 466 -39.63 12.60 8.81
N ASN B 467 -39.84 13.88 8.57
CA ASN B 467 -38.85 14.92 8.93
C ASN B 467 -37.50 14.79 8.21
N TYR B 468 -37.55 14.43 6.93
CA TYR B 468 -36.36 14.52 6.09
C TYR B 468 -36.23 15.93 5.55
N THR B 469 -35.04 16.34 5.15
CA THR B 469 -34.83 17.65 4.54
C THR B 469 -35.43 17.67 3.15
N THR B 470 -35.44 18.82 2.52
CA THR B 470 -35.98 18.95 1.17
C THR B 470 -35.04 18.35 0.14
N GLU B 471 -33.75 18.61 0.31
CA GLU B 471 -32.74 18.06 -0.57
C GLU B 471 -32.76 16.53 -0.51
N GLU B 472 -33.06 15.99 0.67
CA GLU B 472 -33.17 14.55 0.85
C GLU B 472 -34.41 14.05 0.14
N ARG B 473 -35.39 14.91 -0.02
CA ARG B 473 -36.52 14.28 -0.70
C ARG B 473 -36.41 14.48 -2.22
N ILE B 474 -35.61 15.40 -2.71
CA ILE B 474 -35.25 15.40 -4.11
C ILE B 474 -34.26 14.26 -4.46
N PHE B 475 -33.28 14.08 -3.58
CA PHE B 475 -32.33 12.98 -3.68
C PHE B 475 -33.06 11.65 -3.78
N ALA B 476 -34.03 11.45 -2.91
CA ALA B 476 -34.79 10.22 -2.89
C ALA B 476 -35.45 10.04 -4.22
N GLN B 477 -36.03 11.08 -4.77
CA GLN B 477 -36.67 10.99 -6.09
C GLN B 477 -35.69 10.59 -7.18
N ARG B 478 -34.49 11.15 -7.11
CA ARG B 478 -33.43 10.78 -8.07
C ARG B 478 -33.13 9.29 -8.03
N LEU B 479 -32.94 8.75 -6.82
CA LEU B 479 -32.58 7.36 -6.67
C LEU B 479 -33.73 6.45 -7.13
N MET B 480 -34.94 6.81 -6.81
CA MET B 480 -36.09 6.05 -7.26
C MET B 480 -36.11 5.98 -8.77
N LYS B 481 -35.77 7.11 -9.43
CA LYS B 481 -35.85 6.97 -10.88
C LYS B 481 -34.59 6.31 -11.46
N TYR B 482 -33.46 6.37 -10.80
CA TYR B 482 -32.35 5.52 -11.18
C TYR B 482 -32.73 4.04 -11.17
N TRP B 483 -33.21 3.59 -10.03
CA TRP B 483 -33.55 2.20 -9.85
C TRP B 483 -34.67 1.74 -10.79
N THR B 484 -35.72 2.54 -10.94
CA THR B 484 -36.84 2.14 -11.82
C THR B 484 -36.46 2.25 -13.30
N ASN B 485 -35.60 3.19 -13.63
CA ASN B 485 -35.05 3.25 -14.99
C ASN B 485 -34.27 1.99 -15.34
N PHE B 486 -33.48 1.55 -14.36
CA PHE B 486 -32.75 0.32 -14.52
C PHE B 486 -33.69 -0.85 -14.68
N ALA B 487 -34.77 -0.90 -13.88
CA ALA B 487 -35.73 -1.98 -14.01
C ALA B 487 -36.36 -2.00 -15.39
N ARG B 488 -36.66 -0.81 -15.88
CA ARG B 488 -37.36 -0.65 -17.15
C ARG B 488 -36.50 -1.01 -18.34
N THR B 489 -35.22 -0.65 -18.28
CA THR B 489 -34.39 -0.68 -19.49
C THR B 489 -33.08 -1.40 -19.32
N GLY B 490 -32.67 -1.66 -18.10
CA GLY B 490 -31.35 -2.21 -17.83
C GLY B 490 -30.33 -1.10 -17.80
N ASP B 491 -30.81 0.14 -17.63
CA ASP B 491 -29.96 1.30 -17.66
C ASP B 491 -30.53 2.35 -16.71
N PRO B 492 -29.72 2.77 -15.73
CA PRO B 492 -30.13 3.75 -14.73
C PRO B 492 -30.30 5.15 -15.30
N ASN B 493 -29.74 5.42 -16.47
CA ASN B 493 -29.83 6.73 -17.09
C ASN B 493 -31.22 6.96 -17.63
N ASP B 494 -31.69 8.21 -17.54
CA ASP B 494 -33.05 8.53 -17.97
C ASP B 494 -33.11 8.60 -19.50
N PRO B 495 -33.83 7.64 -20.13
CA PRO B 495 -33.78 7.43 -21.59
C PRO B 495 -34.17 8.62 -22.45
N ARG B 496 -34.88 9.60 -21.88
CA ARG B 496 -34.95 10.87 -22.59
C ARG B 496 -34.74 12.06 -21.66
N ASP B 497 -34.24 11.74 -20.48
CA ASP B 497 -33.50 12.88 -19.98
C ASP B 497 -34.40 14.08 -19.71
N LYS B 499 -29.26 19.32 -17.02
CA LYS B 499 -29.21 17.89 -17.26
C LYS B 499 -28.02 17.28 -16.51
N SER B 500 -28.19 16.10 -15.91
CA SER B 500 -27.18 15.44 -15.08
C SER B 500 -26.16 14.66 -15.91
N PRO B 501 -24.91 14.50 -15.42
CA PRO B 501 -23.91 13.69 -16.12
C PRO B 501 -24.35 12.23 -16.26
N GLN B 502 -23.93 11.60 -17.35
CA GLN B 502 -24.34 10.24 -17.65
C GLN B 502 -23.66 9.27 -16.69
N TRP B 503 -24.36 8.19 -16.36
CA TRP B 503 -23.81 7.12 -15.54
C TRP B 503 -23.25 6.05 -16.48
N PRO B 504 -21.93 5.98 -16.58
CA PRO B 504 -21.30 5.05 -17.52
C PRO B 504 -21.26 3.62 -16.97
N PRO B 505 -21.31 2.62 -17.86
CA PRO B 505 -21.19 1.25 -17.42
C PRO B 505 -19.87 1.00 -16.77
N TYR B 506 -19.83 0.09 -15.78
CA TYR B 506 -18.59 -0.35 -15.19
C TYR B 506 -17.94 -1.38 -16.12
N THR B 507 -16.67 -1.15 -16.39
CA THR B 507 -15.88 -2.04 -17.26
C THR B 507 -14.55 -2.33 -16.59
N THR B 508 -13.93 -3.46 -16.95
CA THR B 508 -12.60 -3.81 -16.41
C THR B 508 -11.51 -2.81 -16.83
N ALA B 509 -11.68 -2.20 -17.99
CA ALA B 509 -10.73 -1.22 -18.52
C ALA B 509 -10.77 0.09 -17.79
N ALA B 510 -11.91 0.77 -17.81
CA ALA B 510 -12.03 2.09 -17.23
C ALA B 510 -12.46 2.10 -15.76
N GLN B 511 -13.15 1.05 -15.34
CA GLN B 511 -13.60 0.90 -13.95
C GLN B 511 -14.45 2.07 -13.40
N GLN B 512 -15.29 2.61 -14.26
CA GLN B 512 -16.10 3.77 -13.87
C GLN B 512 -17.27 3.41 -12.96
N TYR B 513 -17.48 4.24 -11.95
CA TYR B 513 -18.61 4.12 -11.06
C TYR B 513 -19.01 5.50 -10.63
N VAL B 514 -20.19 5.66 -10.04
CA VAL B 514 -20.66 7.00 -9.66
C VAL B 514 -20.82 7.14 -8.16
N SER B 515 -20.75 8.38 -7.68
CA SER B 515 -21.06 8.69 -6.29
C SER B 515 -22.52 9.11 -6.21
N LEU B 516 -23.24 8.53 -5.27
CA LEU B 516 -24.62 8.91 -5.03
C LEU B 516 -24.69 9.75 -3.75
N ASN B 517 -25.00 11.03 -3.94
CA ASN B 517 -25.15 11.97 -2.84
C ASN B 517 -25.90 13.19 -3.31
N LEU B 518 -25.94 14.24 -2.50
CA LEU B 518 -26.82 15.38 -2.77
C LEU B 518 -26.36 16.17 -3.99
N LYS B 519 -25.06 16.15 -4.23
CA LYS B 519 -24.49 16.76 -5.41
C LYS B 519 -24.77 15.86 -6.62
N PRO B 520 -24.71 16.44 -7.83
CA PRO B 520 -24.97 15.66 -9.05
C PRO B 520 -23.99 14.50 -9.22
N LEU B 521 -24.37 13.53 -10.03
CA LEU B 521 -23.53 12.37 -10.34
C LEU B 521 -22.07 12.75 -10.60
N GLU B 522 -21.17 12.12 -9.89
CA GLU B 522 -19.76 12.28 -10.14
C GLU B 522 -19.18 10.92 -10.54
N VAL B 523 -18.53 10.86 -11.68
CA VAL B 523 -17.91 9.65 -12.16
C VAL B 523 -16.51 9.52 -11.62
N ARG B 524 -16.23 8.39 -10.98
CA ARG B 524 -14.90 8.08 -10.46
C ARG B 524 -14.41 6.80 -11.08
N ARG B 525 -13.15 6.48 -10.84
CA ARG B 525 -12.52 5.33 -11.48
C ARG B 525 -11.74 4.51 -10.49
N GLY B 526 -11.98 3.21 -10.48
CA GLY B 526 -11.32 2.31 -9.57
C GLY B 526 -12.00 2.25 -8.21
N LEU B 527 -12.77 1.18 -8.01
CA LEU B 527 -13.49 0.98 -6.78
C LEU B 527 -12.56 0.41 -5.71
N ARG B 528 -11.97 1.30 -4.93
CA ARG B 528 -10.89 0.96 -3.99
C ARG B 528 -9.94 -0.05 -4.62
N ALA B 529 -9.41 0.34 -5.78
CA ALA B 529 -8.64 -0.56 -6.65
C ALA B 529 -7.42 -1.18 -5.99
N GLN B 530 -6.66 -0.36 -5.26
CA GLN B 530 -5.43 -0.85 -4.66
C GLN B 530 -5.73 -1.78 -3.51
N THR B 531 -6.59 -1.32 -2.62
CA THR B 531 -6.93 -2.10 -1.46
C THR B 531 -7.56 -3.41 -1.89
N CYS B 532 -8.44 -3.36 -2.89
CA CYS B 532 -9.13 -4.59 -3.30
C CYS B 532 -8.23 -5.49 -4.14
N ALA B 533 -7.15 -4.90 -4.68
CA ALA B 533 -6.07 -5.70 -5.27
C ALA B 533 -5.31 -6.42 -4.14
N PHE B 534 -5.12 -5.75 -3.00
CA PHE B 534 -4.53 -6.40 -1.83
C PHE B 534 -5.35 -7.60 -1.38
N TRP B 535 -6.65 -7.36 -1.16
CA TRP B 535 -7.56 -8.45 -0.70
C TRP B 535 -7.74 -9.57 -1.74
N ASN B 536 -7.97 -9.21 -3.00
CA ASN B 536 -8.35 -10.21 -4.01
C ASN B 536 -7.18 -10.84 -4.78
N ARG B 537 -6.01 -10.22 -4.74
CA ARG B 537 -4.88 -10.71 -5.54
C ARG B 537 -3.69 -11.12 -4.69
N PHE B 538 -3.38 -10.39 -3.64
CA PHE B 538 -2.21 -10.72 -2.89
C PHE B 538 -2.51 -11.71 -1.76
N LEU B 539 -3.46 -11.37 -0.92
CA LEU B 539 -3.69 -12.15 0.30
C LEU B 539 -4.05 -13.63 0.06
N PRO B 540 -4.80 -13.95 -1.01
CA PRO B 540 -5.01 -15.37 -1.30
C PRO B 540 -3.71 -16.17 -1.50
N LYS B 541 -2.69 -15.51 -2.05
CA LYS B 541 -1.39 -16.16 -2.26
C LYS B 541 -0.66 -16.48 -0.97
N LEU B 542 -1.19 -15.98 0.16
CA LEU B 542 -0.57 -16.24 1.46
C LEU B 542 -1.18 -17.44 2.15
N LEU B 543 -1.76 -18.35 1.38
CA LEU B 543 -2.29 -19.60 1.95
C LEU B 543 -1.92 -20.78 1.05
#